data_5OSS
#
_entry.id   5OSS
#
_cell.length_a   94.316
_cell.length_b   94.616
_cell.length_c   113.443
_cell.angle_alpha   90.00
_cell.angle_beta   90.00
_cell.angle_gamma   90.00
#
_symmetry.space_group_name_H-M   'P 21 21 21'
#
loop_
_entity.id
_entity.type
_entity.pdbx_description
1 polymer 'Beta-glucosidase A'
2 non-polymer 1,2-ETHANEDIOL
3 non-polymer 'CHLORIDE ION'
4 non-polymer 'SODIUM ION'
5 non-polymer (4~{S},5~{S},6~{R},7~{R})-7-(hydroxymethyl)-4,5,6,7-tetrahydro-1~{H}-benzimidazole-4,5,6-triol
6 water water
#
_entity_poly.entity_id   1
_entity_poly.type   'polypeptide(L)'
_entity_poly.pdbx_seq_one_letter_code
;MGSSHHHHHHSSGLVPRGSHMASNVKKFPEGFLWGVATASYQIEGSPLADGAGMSIWHTFSHTPGNVKNGDTGDVACDHY
NRWKEDIEIIEKLGVKAYRFSISWPRILPEGTGRVNQKGLDFYNRIIDTLLEKGITPFVTIYHWDLPFALQLKGGWANRE
IADWFAEYSRVLFENFGDRVKNWITLNEPWVVAIVGHLYGVHAPGMRDIYVAFRAVHNLLRAHARAVKVFRETVKDGKIG
IVFNNGYFEPASEKEEDIRAVRFMHQFNNYPLFLNPIYRGDYPELVLEFAREYLPENYKDDMSEIQEKIDFVGLNYYSGH
LVKFDPDAPAKVSFVERDLPKTAMGWEIVPEGIYWILKKVKEEYNPPEVYITENGAAFDDVVSEDGRVHDQNRIDYLKAH
IGQAWKAIQEGVPLKGYFVWSLLDNFEWAEGYSKRFGIVYVDYSTQKRIVKDSGYWYSNVVKNNGLED
;
_entity_poly.pdbx_strand_id   A,B
#
loop_
_chem_comp.id
_chem_comp.type
_chem_comp.name
_chem_comp.formula
AEZ non-polymer (4~{S},5~{S},6~{R},7~{R})-7-(hydroxymethyl)-4,5,6,7-tetrahydro-1~{H}-benzimidazole-4,5,6-triol 'C8 H12 N2 O4'
CL non-polymer 'CHLORIDE ION' 'Cl -1'
EDO non-polymer 1,2-ETHANEDIOL 'C2 H6 O2'
NA non-polymer 'SODIUM ION' 'Na 1'
#
# COMPACT_ATOMS: atom_id res chain seq x y z
N VAL A 25 -17.92 28.94 -22.48
CA VAL A 25 -19.36 28.66 -22.15
C VAL A 25 -19.83 27.38 -22.84
N LYS A 26 -20.27 26.40 -22.05
CA LYS A 26 -20.80 25.11 -22.58
C LYS A 26 -22.19 24.88 -22.02
N LYS A 27 -23.23 25.25 -22.75
CA LYS A 27 -24.59 25.08 -22.26
C LYS A 27 -25.10 23.72 -22.74
N PHE A 28 -25.77 23.00 -21.85
CA PHE A 28 -26.36 21.70 -22.27
C PHE A 28 -27.75 21.88 -22.89
N PRO A 29 -28.36 20.80 -23.44
CA PRO A 29 -29.71 20.92 -24.00
C PRO A 29 -30.75 21.29 -22.99
N GLU A 30 -31.82 21.95 -23.46
CA GLU A 30 -32.96 22.21 -22.59
C GLU A 30 -33.51 20.87 -21.97
N GLY A 31 -33.83 20.88 -20.68
CA GLY A 31 -34.33 19.67 -20.00
C GLY A 31 -33.28 18.58 -19.67
N PHE A 32 -32.00 18.77 -19.99
CA PHE A 32 -30.92 17.85 -19.56
C PHE A 32 -30.98 17.59 -18.05
N LEU A 33 -30.87 16.31 -17.63
CA LEU A 33 -31.07 15.95 -16.24
C LEU A 33 -29.74 15.89 -15.53
N TRP A 34 -29.51 16.87 -14.69
CA TRP A 34 -28.35 16.86 -13.82
C TRP A 34 -28.73 16.10 -12.52
N GLY A 35 -27.92 15.09 -12.18
CA GLY A 35 -28.27 14.29 -11.02
C GLY A 35 -27.13 13.98 -10.05
N VAL A 36 -27.53 13.34 -8.93
CA VAL A 36 -26.56 12.70 -8.05
C VAL A 36 -27.03 11.24 -7.87
N ALA A 37 -26.08 10.41 -7.46
CA ALA A 37 -26.36 8.97 -7.29
C ALA A 37 -25.88 8.45 -5.96
N THR A 38 -26.59 7.44 -5.47
CA THR A 38 -26.18 6.65 -4.30
C THR A 38 -26.64 5.22 -4.53
N ALA A 39 -26.32 4.35 -3.55
CA ALA A 39 -26.78 2.92 -3.54
C ALA A 39 -27.14 2.60 -2.10
N SER A 40 -28.17 1.75 -1.93
CA SER A 40 -28.78 1.43 -0.67
C SER A 40 -27.83 0.95 0.40
N TYR A 41 -27.03 -0.08 0.09
CA TYR A 41 -26.21 -0.65 1.16
C TYR A 41 -25.08 0.37 1.49
N GLN A 42 -24.71 1.21 0.54
CA GLN A 42 -23.64 2.15 0.82
C GLN A 42 -23.98 3.26 1.78
N ILE A 43 -25.22 3.66 1.81
CA ILE A 43 -25.66 4.82 2.60
C ILE A 43 -26.64 4.57 3.69
N GLU A 44 -27.53 3.55 3.57
CA GLU A 44 -28.66 3.42 4.44
C GLU A 44 -28.40 3.10 5.95
N GLY A 45 -27.47 2.19 6.21
CA GLY A 45 -27.47 1.53 7.47
C GLY A 45 -28.70 0.82 7.83
N SER A 46 -28.78 0.36 9.07
CA SER A 46 -29.93 -0.33 9.60
C SER A 46 -30.39 -1.50 8.66
N PRO A 47 -29.44 -2.34 8.28
CA PRO A 47 -29.76 -3.38 7.28
C PRO A 47 -30.85 -4.33 7.75
N LEU A 48 -31.00 -4.56 9.06
CA LEU A 48 -32.05 -5.48 9.53
C LEU A 48 -33.24 -4.76 10.19
N ALA A 49 -33.36 -3.47 10.01
CA ALA A 49 -34.52 -2.78 10.58
C ALA A 49 -35.82 -3.13 9.91
N ASP A 50 -36.91 -3.06 10.71
CA ASP A 50 -38.29 -3.15 10.19
C ASP A 50 -38.53 -4.38 9.29
N GLY A 51 -38.06 -5.50 9.77
CA GLY A 51 -38.29 -6.80 9.13
C GLY A 51 -37.51 -7.09 7.85
N ALA A 52 -36.48 -6.32 7.55
CA ALA A 52 -35.62 -6.63 6.40
C ALA A 52 -34.85 -7.95 6.58
N GLY A 53 -34.67 -8.64 5.45
CA GLY A 53 -33.80 -9.81 5.46
C GLY A 53 -32.37 -9.45 5.32
N MET A 54 -31.47 -10.36 5.68
CA MET A 54 -30.06 -10.14 5.45
C MET A 54 -29.76 -10.07 3.92
N SER A 55 -28.85 -9.20 3.52
CA SER A 55 -28.23 -9.28 2.22
C SER A 55 -26.92 -10.03 2.21
N ILE A 56 -26.40 -10.33 1.00
CA ILE A 56 -25.07 -10.88 0.85
C ILE A 56 -23.99 -9.92 1.24
N TRP A 57 -24.23 -8.59 1.17
CA TRP A 57 -23.21 -7.64 1.63
C TRP A 57 -23.16 -7.57 3.15
N HIS A 58 -24.28 -7.79 3.81
CA HIS A 58 -24.31 -7.94 5.30
C HIS A 58 -23.42 -9.11 5.67
N THR A 59 -23.67 -10.27 5.08
CA THR A 59 -22.88 -11.46 5.49
C THR A 59 -21.44 -11.42 5.08
N PHE A 60 -21.16 -10.88 3.87
CA PHE A 60 -19.81 -10.68 3.38
C PHE A 60 -19.02 -9.70 4.27
N SER A 61 -19.60 -8.56 4.59
CA SER A 61 -18.85 -7.57 5.38
C SER A 61 -18.64 -8.02 6.82
N HIS A 62 -19.53 -8.87 7.30
CA HIS A 62 -19.42 -9.40 8.68
C HIS A 62 -18.47 -10.59 8.75
N THR A 63 -17.92 -10.97 7.63
CA THR A 63 -16.92 -12.03 7.59
C THR A 63 -15.52 -11.40 7.67
N PRO A 64 -14.70 -11.80 8.70
CA PRO A 64 -13.37 -11.14 8.84
C PRO A 64 -12.49 -11.32 7.64
N GLY A 65 -11.80 -10.23 7.27
CA GLY A 65 -10.90 -10.27 6.19
C GLY A 65 -11.40 -9.76 4.86
N ASN A 66 -12.70 -9.60 4.72
CA ASN A 66 -13.24 -9.20 3.42
C ASN A 66 -13.29 -7.72 3.13
N VAL A 67 -13.43 -6.89 4.17
CA VAL A 67 -13.56 -5.38 4.00
C VAL A 67 -12.51 -4.72 4.86
N LYS A 68 -11.84 -3.75 4.26
CA LYS A 68 -10.83 -2.97 4.98
C LYS A 68 -11.34 -2.50 6.36
N ASN A 69 -10.45 -2.65 7.39
CA ASN A 69 -10.74 -2.24 8.78
C ASN A 69 -11.93 -2.90 9.40
N GLY A 70 -12.42 -3.98 8.83
CA GLY A 70 -13.60 -4.65 9.34
C GLY A 70 -14.84 -3.79 9.21
N ASP A 71 -14.84 -2.85 8.30
CA ASP A 71 -16.01 -1.97 8.17
C ASP A 71 -17.21 -2.76 7.58
N THR A 72 -18.40 -2.32 7.93
CA THR A 72 -19.64 -2.89 7.45
C THR A 72 -20.62 -1.78 7.08
N GLY A 73 -21.74 -2.18 6.50
CA GLY A 73 -22.84 -1.28 6.26
C GLY A 73 -23.86 -1.17 7.36
N ASP A 74 -23.50 -1.53 8.58
CA ASP A 74 -24.46 -1.47 9.67
C ASP A 74 -25.02 -0.09 9.99
N VAL A 75 -24.18 0.92 9.86
CA VAL A 75 -24.63 2.28 10.11
C VAL A 75 -24.51 3.16 8.87
N ALA A 76 -23.34 3.17 8.26
CA ALA A 76 -23.04 3.90 6.99
C ALA A 76 -23.33 5.38 7.23
N CYS A 77 -24.09 6.05 6.35
CA CYS A 77 -24.50 7.47 6.52
C CYS A 77 -25.79 7.61 7.32
N ASP A 78 -26.30 6.52 7.91
CA ASP A 78 -27.59 6.48 8.56
C ASP A 78 -28.71 7.12 7.76
N HIS A 79 -28.67 6.90 6.45
CA HIS A 79 -29.72 7.47 5.61
C HIS A 79 -31.10 6.86 5.89
N TYR A 80 -31.12 5.67 6.47
CA TYR A 80 -32.38 5.05 6.77
C TYR A 80 -33.19 5.94 7.73
N ASN A 81 -32.46 6.68 8.57
CA ASN A 81 -33.09 7.70 9.45
C ASN A 81 -33.08 9.14 8.93
N ARG A 82 -32.03 9.51 8.20
CA ARG A 82 -31.71 10.89 7.84
C ARG A 82 -32.06 11.25 6.38
N TRP A 83 -32.89 10.38 5.77
CA TRP A 83 -33.26 10.48 4.37
C TRP A 83 -33.93 11.85 4.06
N LYS A 84 -34.77 12.36 4.96
CA LYS A 84 -35.45 13.70 4.69
C LYS A 84 -34.42 14.84 4.60
N GLU A 85 -33.48 14.89 5.56
CA GLU A 85 -32.36 15.85 5.49
C GLU A 85 -31.53 15.73 4.21
N ASP A 86 -31.19 14.50 3.83
CA ASP A 86 -30.45 14.30 2.60
C ASP A 86 -31.14 14.78 1.31
N ILE A 87 -32.45 14.52 1.23
CA ILE A 87 -33.23 14.96 0.07
C ILE A 87 -33.32 16.53 0.09
N GLU A 88 -33.48 17.10 1.28
CA GLU A 88 -33.42 18.59 1.45
C GLU A 88 -32.12 19.12 1.00
N ILE A 89 -31.02 18.38 1.19
CA ILE A 89 -29.76 18.78 0.56
C ILE A 89 -29.75 18.81 -0.95
N ILE A 90 -30.32 17.75 -1.57
CA ILE A 90 -30.44 17.68 -3.00
C ILE A 90 -31.28 18.87 -3.50
N GLU A 91 -32.39 19.12 -2.81
CA GLU A 91 -33.30 20.26 -3.13
C GLU A 91 -32.55 21.60 -3.00
N LYS A 92 -31.83 21.80 -1.89
CA LYS A 92 -31.09 23.09 -1.68
C LYS A 92 -30.02 23.29 -2.77
N LEU A 93 -29.39 22.21 -3.25
CA LEU A 93 -28.41 22.32 -4.32
C LEU A 93 -29.05 22.50 -5.71
N GLY A 94 -30.37 22.29 -5.81
CA GLY A 94 -31.08 22.45 -7.08
C GLY A 94 -30.87 21.33 -8.07
N VAL A 95 -30.41 20.16 -7.58
CA VAL A 95 -30.07 19.05 -8.45
C VAL A 95 -31.39 18.50 -8.91
N LYS A 96 -31.48 18.12 -10.17
CA LYS A 96 -32.77 17.81 -10.76
C LYS A 96 -33.25 16.34 -10.74
N ALA A 97 -32.29 15.44 -10.55
CA ALA A 97 -32.58 14.01 -10.55
C ALA A 97 -31.78 13.34 -9.42
N TYR A 98 -32.38 12.31 -8.82
CA TYR A 98 -31.67 11.48 -7.81
C TYR A 98 -31.79 10.02 -8.26
N ARG A 99 -30.61 9.43 -8.46
CA ARG A 99 -30.49 8.01 -8.75
C ARG A 99 -30.23 7.35 -7.38
N PHE A 100 -31.07 6.42 -7.01
CA PHE A 100 -30.92 5.63 -5.79
C PHE A 100 -31.34 4.23 -6.03
N SER A 101 -30.91 3.31 -5.17
CA SER A 101 -31.30 1.90 -5.37
C SER A 101 -32.17 1.43 -4.25
N ILE A 102 -32.95 0.37 -4.57
CA ILE A 102 -33.79 -0.26 -3.61
C ILE A 102 -33.11 -1.57 -3.14
N SER A 103 -33.14 -1.77 -1.83
CA SER A 103 -32.61 -2.97 -1.22
C SER A 103 -33.69 -4.08 -1.39
N TRP A 104 -33.37 -5.05 -2.21
CA TRP A 104 -34.25 -6.19 -2.42
C TRP A 104 -34.70 -6.87 -1.10
N PRO A 105 -33.78 -7.20 -0.21
CA PRO A 105 -34.22 -7.81 1.04
C PRO A 105 -35.00 -6.95 2.00
N ARG A 106 -35.08 -5.62 1.79
CA ARG A 106 -36.05 -4.86 2.56
C ARG A 106 -37.50 -5.05 2.05
N ILE A 107 -37.65 -5.41 0.78
CA ILE A 107 -38.89 -5.53 0.11
C ILE A 107 -39.39 -6.98 0.19
N LEU A 108 -38.50 -7.94 -0.11
CA LEU A 108 -38.85 -9.36 -0.03
C LEU A 108 -37.75 -10.01 0.84
N PRO A 109 -37.98 -10.15 2.14
CA PRO A 109 -36.92 -10.54 3.04
C PRO A 109 -36.30 -11.92 2.75
N GLU A 110 -37.06 -12.81 2.13
CA GLU A 110 -36.56 -14.13 1.70
C GLU A 110 -36.31 -14.14 0.20
N GLY A 111 -36.36 -12.98 -0.49
CA GLY A 111 -36.05 -12.89 -1.88
C GLY A 111 -37.27 -13.06 -2.80
N THR A 112 -38.07 -14.07 -2.50
CA THR A 112 -39.33 -14.29 -3.18
C THR A 112 -40.41 -14.48 -2.11
N GLY A 113 -41.68 -14.44 -2.56
CA GLY A 113 -42.78 -14.68 -1.63
C GLY A 113 -43.20 -13.44 -0.87
N ARG A 114 -42.98 -13.44 0.41
CA ARG A 114 -43.52 -12.40 1.33
C ARG A 114 -43.01 -11.00 0.97
N VAL A 115 -43.92 -10.06 0.88
CA VAL A 115 -43.59 -8.64 0.73
C VAL A 115 -43.68 -7.90 2.04
N ASN A 116 -42.67 -7.13 2.35
CA ASN A 116 -42.52 -6.37 3.61
C ASN A 116 -43.03 -4.93 3.44
N GLN A 117 -44.23 -4.62 3.96
CA GLN A 117 -44.81 -3.28 3.74
C GLN A 117 -43.94 -2.16 4.33
N LYS A 118 -43.23 -2.42 5.42
CA LYS A 118 -42.37 -1.39 5.99
C LYS A 118 -41.20 -1.02 5.08
N GLY A 119 -40.78 -1.97 4.25
CA GLY A 119 -39.74 -1.67 3.29
C GLY A 119 -40.30 -0.83 2.17
N LEU A 120 -41.48 -1.21 1.67
CA LEU A 120 -42.13 -0.42 0.64
C LEU A 120 -42.36 1.02 1.17
N ASP A 121 -42.77 1.14 2.45
CA ASP A 121 -43.06 2.46 3.07
C ASP A 121 -41.83 3.34 3.10
N PHE A 122 -40.66 2.78 3.41
CA PHE A 122 -39.40 3.52 3.40
C PHE A 122 -39.19 4.22 2.05
N TYR A 123 -39.27 3.46 0.96
CA TYR A 123 -39.01 3.99 -0.34
C TYR A 123 -40.19 4.89 -0.84
N ASN A 124 -41.42 4.54 -0.48
CA ASN A 124 -42.57 5.40 -0.81
C ASN A 124 -42.37 6.83 -0.30
N ARG A 125 -41.93 6.97 0.92
CA ARG A 125 -41.65 8.30 1.49
C ARG A 125 -40.57 9.06 0.72
N ILE A 126 -39.51 8.39 0.34
CA ILE A 126 -38.45 8.99 -0.44
C ILE A 126 -39.02 9.46 -1.79
N ILE A 127 -39.78 8.60 -2.47
CA ILE A 127 -40.30 8.89 -3.80
C ILE A 127 -41.29 10.11 -3.70
N ASP A 128 -42.19 10.06 -2.72
CA ASP A 128 -43.21 11.14 -2.58
C ASP A 128 -42.54 12.47 -2.29
N THR A 129 -41.49 12.43 -1.47
CA THR A 129 -40.76 13.59 -1.11
C THR A 129 -40.01 14.19 -2.28
N LEU A 130 -39.31 13.36 -3.08
CA LEU A 130 -38.59 13.83 -4.25
C LEU A 130 -39.60 14.51 -5.23
N LEU A 131 -40.73 13.85 -5.48
CA LEU A 131 -41.75 14.41 -6.39
C LEU A 131 -42.32 15.72 -5.85
N GLU A 132 -42.62 15.77 -4.56
CA GLU A 132 -43.07 17.08 -3.93
C GLU A 132 -42.09 18.19 -4.24
N LYS A 133 -40.80 17.86 -4.18
CA LYS A 133 -39.73 18.84 -4.37
C LYS A 133 -39.29 19.03 -5.80
N GLY A 134 -39.94 18.37 -6.75
CA GLY A 134 -39.55 18.53 -8.16
C GLY A 134 -38.26 17.88 -8.59
N ILE A 135 -37.85 16.77 -7.95
CA ILE A 135 -36.66 16.04 -8.29
C ILE A 135 -37.08 14.70 -8.92
N THR A 136 -36.45 14.35 -10.03
CA THR A 136 -36.85 13.14 -10.76
C THR A 136 -36.19 11.91 -10.15
N PRO A 137 -36.99 10.93 -9.68
CA PRO A 137 -36.32 9.69 -9.23
C PRO A 137 -35.88 8.77 -10.35
N PHE A 138 -34.63 8.29 -10.28
CA PHE A 138 -34.16 7.25 -11.19
C PHE A 138 -33.92 6.08 -10.24
N VAL A 139 -34.69 5.00 -10.39
CA VAL A 139 -34.56 3.87 -9.44
C VAL A 139 -33.72 2.72 -10.02
N THR A 140 -32.62 2.35 -9.32
CA THR A 140 -31.81 1.18 -9.62
C THR A 140 -32.41 0.00 -8.85
N ILE A 141 -32.93 -1.02 -9.56
CA ILE A 141 -33.61 -2.13 -8.95
C ILE A 141 -32.55 -3.03 -8.17
N TYR A 142 -31.40 -3.19 -8.76
CA TYR A 142 -30.29 -4.04 -8.18
C TYR A 142 -28.99 -3.38 -8.20
N HIS A 143 -28.55 -2.97 -7.02
CA HIS A 143 -27.21 -2.45 -6.85
C HIS A 143 -26.45 -3.25 -5.76
N TRP A 144 -26.55 -4.57 -5.92
CA TRP A 144 -25.56 -5.52 -5.40
C TRP A 144 -25.95 -6.19 -4.10
N ASP A 145 -27.02 -5.75 -3.46
CA ASP A 145 -27.45 -6.28 -2.15
C ASP A 145 -28.50 -7.41 -2.32
N LEU A 146 -28.08 -8.50 -2.95
CA LEU A 146 -28.90 -9.69 -3.12
C LEU A 146 -29.37 -10.21 -1.76
N PRO A 147 -30.61 -10.63 -1.64
CA PRO A 147 -31.02 -11.30 -0.44
C PRO A 147 -30.16 -12.55 -0.16
N PHE A 148 -29.75 -12.68 1.08
CA PHE A 148 -28.92 -13.81 1.48
C PHE A 148 -29.70 -15.11 1.22
N ALA A 149 -31.00 -15.12 1.42
CA ALA A 149 -31.81 -16.31 1.23
C ALA A 149 -31.68 -16.84 -0.20
N LEU A 150 -31.54 -15.96 -1.18
CA LEU A 150 -31.29 -16.39 -2.52
C LEU A 150 -29.88 -16.85 -2.80
N GLN A 151 -28.89 -16.32 -2.10
CA GLN A 151 -27.52 -16.76 -2.23
C GLN A 151 -27.41 -18.20 -1.77
N LEU A 152 -28.20 -18.56 -0.78
CA LEU A 152 -28.18 -19.98 -0.30
C LEU A 152 -28.69 -20.95 -1.38
N LYS A 153 -29.47 -20.43 -2.34
CA LYS A 153 -29.97 -21.19 -3.48
CA LYS A 153 -29.97 -21.20 -3.47
C LYS A 153 -29.14 -20.99 -4.75
N GLY A 154 -27.94 -20.46 -4.59
CA GLY A 154 -26.96 -20.23 -5.68
C GLY A 154 -26.84 -18.82 -6.22
N GLY A 155 -27.76 -17.96 -5.79
CA GLY A 155 -27.78 -16.56 -6.27
C GLY A 155 -27.72 -16.47 -7.80
N TRP A 156 -26.82 -15.62 -8.28
CA TRP A 156 -26.72 -15.32 -9.73
C TRP A 156 -26.24 -16.55 -10.52
N ALA A 157 -25.78 -17.60 -9.83
CA ALA A 157 -25.34 -18.83 -10.50
C ALA A 157 -26.54 -19.69 -10.89
N ASN A 158 -27.68 -19.47 -10.27
CA ASN A 158 -28.89 -20.32 -10.49
C ASN A 158 -29.78 -19.70 -11.59
N ARG A 159 -30.05 -20.47 -12.65
CA ARG A 159 -30.99 -19.96 -13.71
C ARG A 159 -32.30 -19.51 -13.21
N GLU A 160 -32.81 -20.04 -12.09
CA GLU A 160 -34.03 -19.62 -11.55
C GLU A 160 -34.07 -18.13 -11.05
N ILE A 161 -32.90 -17.49 -10.95
CA ILE A 161 -32.87 -16.10 -10.53
C ILE A 161 -33.55 -15.18 -11.59
N ALA A 162 -33.63 -15.61 -12.86
CA ALA A 162 -34.41 -14.81 -13.84
C ALA A 162 -35.87 -14.70 -13.37
N ASP A 163 -36.43 -15.78 -12.82
CA ASP A 163 -37.78 -15.75 -12.26
C ASP A 163 -37.84 -14.94 -10.97
N TRP A 164 -36.88 -15.15 -10.05
CA TRP A 164 -36.88 -14.42 -8.76
C TRP A 164 -36.81 -12.91 -8.99
N PHE A 165 -35.94 -12.54 -9.89
CA PHE A 165 -35.70 -11.11 -10.19
C PHE A 165 -36.90 -10.48 -10.86
N ALA A 166 -37.52 -11.23 -11.77
CA ALA A 166 -38.74 -10.72 -12.40
C ALA A 166 -39.87 -10.54 -11.44
N GLU A 167 -39.99 -11.38 -10.43
CA GLU A 167 -41.02 -11.29 -9.42
C GLU A 167 -40.76 -10.07 -8.52
N TYR A 168 -39.52 -9.93 -8.12
CA TYR A 168 -39.10 -8.70 -7.39
C TYR A 168 -39.40 -7.39 -8.16
N SER A 169 -38.93 -7.34 -9.38
CA SER A 169 -39.13 -6.20 -10.26
C SER A 169 -40.66 -5.92 -10.41
N ARG A 170 -41.49 -6.93 -10.50
N ARG A 170 -41.46 -6.95 -10.56
CA ARG A 170 -42.96 -6.73 -10.62
CA ARG A 170 -42.95 -6.79 -10.61
C ARG A 170 -43.63 -6.14 -9.38
C ARG A 170 -43.45 -6.01 -9.43
N VAL A 171 -43.08 -6.46 -8.22
CA VAL A 171 -43.51 -5.84 -7.01
C VAL A 171 -43.19 -4.35 -7.03
N LEU A 172 -41.95 -4.02 -7.42
CA LEU A 172 -41.58 -2.60 -7.46
C LEU A 172 -42.44 -1.80 -8.46
N PHE A 173 -42.62 -2.38 -9.63
CA PHE A 173 -43.41 -1.72 -10.71
C PHE A 173 -44.84 -1.47 -10.26
N GLU A 174 -45.44 -2.45 -9.60
N GLU A 174 -45.44 -2.44 -9.61
CA GLU A 174 -46.85 -2.41 -9.12
CA GLU A 174 -46.82 -2.32 -9.16
C GLU A 174 -47.05 -1.47 -7.94
C GLU A 174 -46.92 -1.24 -8.11
N ASN A 175 -46.00 -1.26 -7.15
CA ASN A 175 -46.07 -0.33 -6.04
C ASN A 175 -45.63 1.09 -6.35
N PHE A 176 -44.64 1.26 -7.24
CA PHE A 176 -44.02 2.58 -7.47
C PHE A 176 -44.15 3.11 -8.86
N GLY A 177 -44.61 2.31 -9.84
CA GLY A 177 -44.54 2.67 -11.24
C GLY A 177 -45.55 3.79 -11.62
N ASP A 178 -46.53 4.05 -10.77
CA ASP A 178 -47.44 5.21 -10.92
C ASP A 178 -46.70 6.51 -10.77
N ARG A 179 -45.62 6.52 -9.99
CA ARG A 179 -44.80 7.70 -9.72
C ARG A 179 -43.40 7.69 -10.26
N VAL A 180 -42.69 6.54 -10.20
CA VAL A 180 -41.39 6.47 -10.77
C VAL A 180 -41.48 6.01 -12.23
N LYS A 181 -40.82 6.76 -13.08
CA LYS A 181 -40.92 6.55 -14.51
C LYS A 181 -39.63 6.26 -15.17
N ASN A 182 -38.53 6.23 -14.42
CA ASN A 182 -37.21 6.01 -14.97
C ASN A 182 -36.57 4.87 -14.12
N TRP A 183 -36.37 3.73 -14.72
CA TRP A 183 -35.92 2.51 -14.01
C TRP A 183 -34.66 1.95 -14.60
N ILE A 184 -33.78 1.38 -13.73
CA ILE A 184 -32.58 0.72 -14.14
C ILE A 184 -32.61 -0.70 -13.56
N THR A 185 -32.43 -1.74 -14.39
CA THR A 185 -32.53 -3.14 -13.88
C THR A 185 -31.32 -3.50 -13.02
N LEU A 186 -30.16 -3.34 -13.59
CA LEU A 186 -28.91 -3.76 -12.97
C LEU A 186 -27.89 -2.69 -12.96
N ASN A 187 -27.17 -2.55 -11.86
CA ASN A 187 -25.95 -1.74 -11.82
C ASN A 187 -24.74 -2.62 -12.01
N GLU A 188 -23.97 -2.36 -13.07
CA GLU A 188 -22.67 -2.91 -13.35
C GLU A 188 -22.62 -4.45 -13.22
N PRO A 189 -23.37 -5.15 -14.11
CA PRO A 189 -23.43 -6.60 -14.02
C PRO A 189 -22.03 -7.26 -14.19
N TRP A 190 -21.07 -6.61 -14.92
CA TRP A 190 -19.73 -7.15 -15.01
C TRP A 190 -19.12 -7.31 -13.59
N VAL A 191 -19.27 -6.28 -12.78
CA VAL A 191 -18.74 -6.24 -11.41
C VAL A 191 -19.38 -7.36 -10.58
N VAL A 192 -20.71 -7.42 -10.66
CA VAL A 192 -21.49 -8.42 -9.94
C VAL A 192 -20.97 -9.80 -10.29
N ALA A 193 -20.82 -10.09 -11.55
CA ALA A 193 -20.37 -11.42 -11.95
C ALA A 193 -18.91 -11.64 -11.70
N ILE A 194 -18.07 -10.76 -12.23
CA ILE A 194 -16.65 -11.05 -12.17
C ILE A 194 -15.97 -10.70 -10.83
N VAL A 195 -16.26 -9.53 -10.26
CA VAL A 195 -15.60 -9.17 -9.01
C VAL A 195 -16.21 -10.03 -7.89
N GLY A 196 -17.50 -10.31 -8.00
CA GLY A 196 -18.25 -11.13 -6.97
C GLY A 196 -17.92 -12.61 -7.00
N HIS A 197 -17.75 -13.18 -8.19
CA HIS A 197 -17.69 -14.62 -8.39
C HIS A 197 -16.40 -15.20 -9.06
N LEU A 198 -15.51 -14.37 -9.61
CA LEU A 198 -14.21 -14.75 -10.02
C LEU A 198 -13.08 -14.24 -9.14
N TYR A 199 -13.04 -12.95 -8.90
CA TYR A 199 -11.99 -12.33 -8.09
C TYR A 199 -12.30 -12.55 -6.62
N GLY A 200 -13.56 -12.72 -6.28
CA GLY A 200 -13.92 -12.91 -4.88
C GLY A 200 -13.77 -11.71 -3.95
N VAL A 201 -13.57 -10.55 -4.52
CA VAL A 201 -13.36 -9.35 -3.77
C VAL A 201 -14.65 -8.68 -3.29
N HIS A 202 -15.77 -8.94 -3.97
CA HIS A 202 -17.09 -8.48 -3.59
C HIS A 202 -17.91 -9.69 -3.21
N ALA A 203 -19.03 -9.43 -2.55
CA ALA A 203 -20.02 -10.44 -2.19
C ALA A 203 -20.50 -11.11 -3.53
N PRO A 204 -20.68 -12.41 -3.60
CA PRO A 204 -20.69 -13.35 -2.43
C PRO A 204 -19.34 -13.90 -2.11
N GLY A 205 -18.30 -13.45 -2.79
CA GLY A 205 -16.93 -13.75 -2.44
C GLY A 205 -16.43 -15.07 -2.94
N MET A 206 -16.77 -15.41 -4.17
CA MET A 206 -16.35 -16.68 -4.78
C MET A 206 -15.24 -16.48 -5.81
N ARG A 207 -14.50 -17.54 -6.07
CA ARG A 207 -13.44 -17.59 -7.10
C ARG A 207 -13.61 -18.81 -7.96
N ASP A 208 -14.55 -18.75 -8.90
CA ASP A 208 -14.82 -19.84 -9.83
C ASP A 208 -15.20 -19.26 -11.18
N ILE A 209 -14.33 -19.38 -12.20
CA ILE A 209 -14.60 -18.82 -13.54
C ILE A 209 -15.88 -19.35 -14.23
N TYR A 210 -16.29 -20.60 -14.02
CA TYR A 210 -17.45 -21.16 -14.62
C TYR A 210 -18.72 -20.57 -13.96
N VAL A 211 -18.65 -20.41 -12.63
CA VAL A 211 -19.74 -19.66 -11.95
C VAL A 211 -19.84 -18.21 -12.47
N ALA A 212 -18.72 -17.50 -12.55
CA ALA A 212 -18.77 -16.07 -12.94
C ALA A 212 -19.42 -15.88 -14.31
N PHE A 213 -19.20 -16.82 -15.23
CA PHE A 213 -19.79 -16.69 -16.60
C PHE A 213 -21.22 -17.17 -16.64
N ARG A 214 -21.57 -18.11 -15.76
CA ARG A 214 -23.00 -18.38 -15.59
C ARG A 214 -23.75 -17.20 -15.02
N ALA A 215 -23.09 -16.48 -14.09
CA ALA A 215 -23.66 -15.23 -13.54
C ALA A 215 -23.84 -14.17 -14.59
N VAL A 216 -22.86 -13.97 -15.46
CA VAL A 216 -23.03 -13.01 -16.58
C VAL A 216 -24.30 -13.31 -17.36
N HIS A 217 -24.44 -14.57 -17.72
CA HIS A 217 -25.58 -14.98 -18.53
C HIS A 217 -26.88 -14.89 -17.81
N ASN A 218 -26.92 -15.26 -16.50
CA ASN A 218 -28.16 -15.12 -15.75
C ASN A 218 -28.57 -13.67 -15.48
N LEU A 219 -27.59 -12.79 -15.36
CA LEU A 219 -27.80 -11.36 -15.20
C LEU A 219 -28.57 -10.78 -16.42
N LEU A 220 -28.09 -11.17 -17.63
CA LEU A 220 -28.79 -10.85 -18.87
C LEU A 220 -30.17 -11.42 -18.94
N ARG A 221 -30.35 -12.68 -18.57
CA ARG A 221 -31.68 -13.26 -18.58
C ARG A 221 -32.64 -12.61 -17.60
N ALA A 222 -32.13 -12.28 -16.40
CA ALA A 222 -32.92 -11.62 -15.39
C ALA A 222 -33.29 -10.20 -15.85
N HIS A 223 -32.31 -9.46 -16.35
CA HIS A 223 -32.53 -8.10 -16.96
C HIS A 223 -33.70 -8.14 -17.97
N ALA A 224 -33.61 -9.09 -18.85
CA ALA A 224 -34.60 -9.19 -19.94
C ALA A 224 -36.00 -9.57 -19.46
N ARG A 225 -36.10 -10.47 -18.47
N ARG A 225 -36.10 -10.47 -18.48
CA ARG A 225 -37.40 -10.82 -17.88
CA ARG A 225 -37.41 -10.81 -17.91
C ARG A 225 -38.05 -9.63 -17.18
C ARG A 225 -38.05 -9.63 -17.18
N ALA A 226 -37.23 -8.83 -16.48
CA ALA A 226 -37.73 -7.69 -15.80
C ALA A 226 -38.23 -6.66 -16.83
N VAL A 227 -37.50 -6.43 -17.90
CA VAL A 227 -37.96 -5.50 -18.96
C VAL A 227 -39.30 -6.05 -19.53
N LYS A 228 -39.38 -7.35 -19.82
CA LYS A 228 -40.68 -7.95 -20.25
C LYS A 228 -41.84 -7.66 -19.28
N VAL A 229 -41.64 -7.82 -17.96
CA VAL A 229 -42.63 -7.56 -16.99
C VAL A 229 -42.99 -6.05 -16.97
N PHE A 230 -41.95 -5.21 -17.10
CA PHE A 230 -42.12 -3.72 -17.05
C PHE A 230 -43.15 -3.32 -18.17
N ARG A 231 -42.98 -3.86 -19.37
CA ARG A 231 -43.94 -3.57 -20.48
C ARG A 231 -45.38 -3.94 -20.21
N GLU A 232 -45.61 -4.99 -19.44
CA GLU A 232 -46.94 -5.39 -18.98
C GLU A 232 -47.50 -4.61 -17.84
N THR A 233 -46.69 -3.91 -17.03
N THR A 233 -46.66 -3.94 -17.05
CA THR A 233 -47.17 -3.33 -15.74
CA THR A 233 -47.07 -3.39 -15.77
C THR A 233 -47.09 -1.81 -15.61
C THR A 233 -47.23 -1.88 -15.83
N VAL A 234 -46.22 -1.19 -16.39
CA VAL A 234 -45.99 0.28 -16.32
C VAL A 234 -45.92 0.74 -17.77
N LYS A 235 -47.07 0.69 -18.37
CA LYS A 235 -47.37 1.34 -19.67
C LYS A 235 -46.81 2.77 -19.97
N ASP A 236 -46.53 3.62 -18.97
CA ASP A 236 -45.94 4.98 -19.16
C ASP A 236 -44.43 5.22 -19.04
N GLY A 237 -43.61 4.32 -18.53
CA GLY A 237 -42.21 4.71 -18.13
C GLY A 237 -41.07 4.27 -19.03
N LYS A 238 -39.80 4.48 -18.64
CA LYS A 238 -38.69 3.97 -19.40
C LYS A 238 -37.76 3.12 -18.49
N ILE A 239 -37.19 2.15 -19.12
CA ILE A 239 -36.28 1.17 -18.43
C ILE A 239 -35.01 0.97 -19.22
N GLY A 240 -33.89 0.87 -18.47
CA GLY A 240 -32.60 0.68 -19.00
C GLY A 240 -31.69 -0.18 -18.08
N ILE A 241 -30.42 -0.11 -18.30
CA ILE A 241 -29.40 -0.88 -17.64
C ILE A 241 -28.13 -0.09 -17.61
N VAL A 242 -27.33 -0.29 -16.56
CA VAL A 242 -26.13 0.47 -16.35
C VAL A 242 -24.89 -0.37 -16.40
N PHE A 243 -23.84 0.14 -17.06
CA PHE A 243 -22.55 -0.62 -17.23
C PHE A 243 -21.39 0.16 -16.73
N ASN A 244 -20.41 -0.50 -16.08
CA ASN A 244 -19.09 0.10 -15.80
C ASN A 244 -18.26 0.13 -17.09
N ASN A 245 -17.40 1.13 -17.21
CA ASN A 245 -16.60 1.26 -18.42
C ASN A 245 -15.29 1.92 -18.04
N GLY A 246 -14.23 1.43 -18.64
CA GLY A 246 -12.92 2.10 -18.59
C GLY A 246 -12.48 2.53 -19.98
N TYR A 247 -11.53 3.51 -20.03
CA TYR A 247 -10.97 3.94 -21.34
C TYR A 247 -9.67 3.23 -21.44
N PHE A 248 -9.66 2.20 -22.25
CA PHE A 248 -8.45 1.46 -22.43
C PHE A 248 -7.69 2.01 -23.67
N GLU A 249 -6.39 2.29 -23.45
CA GLU A 249 -5.43 2.69 -24.52
C GLU A 249 -4.31 1.64 -24.61
N PRO A 250 -3.74 1.43 -25.84
CA PRO A 250 -2.71 0.39 -26.02
C PRO A 250 -1.31 0.98 -25.71
N ALA A 251 -0.45 0.14 -25.17
CA ALA A 251 0.84 0.57 -24.63
C ALA A 251 1.88 0.87 -25.74
N SER A 252 1.56 0.46 -26.96
CA SER A 252 2.49 0.48 -28.07
C SER A 252 1.64 0.56 -29.33
N GLU A 253 2.28 0.70 -30.48
CA GLU A 253 1.61 0.47 -31.77
C GLU A 253 1.57 -1.00 -32.16
N LYS A 254 2.01 -1.93 -31.30
CA LYS A 254 1.94 -3.36 -31.74
C LYS A 254 0.47 -3.80 -31.95
N GLU A 255 0.22 -4.62 -32.97
CA GLU A 255 -1.10 -5.20 -33.18
C GLU A 255 -1.62 -5.91 -31.91
N GLU A 256 -0.72 -6.55 -31.15
CA GLU A 256 -1.14 -7.33 -29.96
C GLU A 256 -1.61 -6.38 -28.81
N ASP A 257 -1.01 -5.23 -28.64
CA ASP A 257 -1.50 -4.30 -27.65
C ASP A 257 -2.88 -3.73 -28.12
N ILE A 258 -3.06 -3.55 -29.42
CA ILE A 258 -4.30 -2.97 -29.96
C ILE A 258 -5.45 -3.96 -29.70
N ARG A 259 -5.14 -5.25 -29.83
CA ARG A 259 -6.09 -6.32 -29.69
C ARG A 259 -6.38 -6.55 -28.21
N ALA A 260 -5.40 -6.28 -27.36
CA ALA A 260 -5.61 -6.40 -25.90
C ALA A 260 -6.61 -5.31 -25.50
N VAL A 261 -6.51 -4.14 -26.10
CA VAL A 261 -7.48 -3.09 -25.88
C VAL A 261 -8.85 -3.56 -26.36
N ARG A 262 -8.91 -4.20 -27.53
CA ARG A 262 -10.19 -4.67 -28.12
CA ARG A 262 -10.19 -4.60 -28.08
C ARG A 262 -10.85 -5.64 -27.14
N PHE A 263 -10.07 -6.62 -26.70
CA PHE A 263 -10.54 -7.52 -25.68
C PHE A 263 -11.03 -6.81 -24.37
N MET A 264 -10.28 -5.86 -23.82
CA MET A 264 -10.70 -5.24 -22.56
C MET A 264 -11.96 -4.44 -22.79
N HIS A 265 -12.08 -3.76 -23.93
CA HIS A 265 -13.32 -3.03 -24.23
C HIS A 265 -14.46 -4.04 -24.30
N GLN A 266 -14.28 -5.13 -24.99
CA GLN A 266 -15.40 -6.06 -25.24
C GLN A 266 -15.80 -6.76 -23.95
N PHE A 267 -14.82 -7.03 -23.08
CA PHE A 267 -15.05 -7.83 -21.85
C PHE A 267 -15.50 -6.94 -20.69
N ASN A 268 -14.78 -5.86 -20.45
CA ASN A 268 -14.98 -5.03 -19.28
C ASN A 268 -15.99 -3.94 -19.51
N ASN A 269 -16.26 -3.54 -20.79
CA ASN A 269 -17.16 -2.44 -21.06
C ASN A 269 -18.54 -2.85 -21.52
N TYR A 270 -19.42 -1.89 -21.83
CA TYR A 270 -20.78 -2.22 -22.28
C TYR A 270 -20.93 -3.37 -23.34
N PRO A 271 -19.93 -3.63 -24.23
CA PRO A 271 -20.22 -4.73 -25.23
C PRO A 271 -20.54 -6.12 -24.72
N LEU A 272 -20.00 -6.53 -23.57
CA LEU A 272 -20.34 -7.82 -23.00
C LEU A 272 -21.82 -8.08 -22.94
N PHE A 273 -22.54 -7.03 -22.58
CA PHE A 273 -23.95 -7.07 -22.41
C PHE A 273 -24.76 -6.51 -23.57
N LEU A 274 -24.24 -5.44 -24.22
CA LEU A 274 -24.98 -4.85 -25.36
C LEU A 274 -24.87 -5.63 -26.64
N ASN A 275 -23.81 -6.40 -26.84
CA ASN A 275 -23.76 -7.33 -27.96
C ASN A 275 -24.87 -8.36 -27.86
N PRO A 276 -25.11 -8.95 -26.65
CA PRO A 276 -26.29 -9.77 -26.60
C PRO A 276 -27.62 -9.04 -26.81
N ILE A 277 -27.79 -7.90 -26.17
CA ILE A 277 -29.04 -7.20 -26.21
C ILE A 277 -29.42 -6.72 -27.66
N TYR A 278 -28.43 -6.17 -28.33
CA TYR A 278 -28.65 -5.55 -29.64
C TYR A 278 -28.37 -6.54 -30.78
N ARG A 279 -27.46 -7.49 -30.61
CA ARG A 279 -27.01 -8.41 -31.70
C ARG A 279 -27.23 -9.88 -31.45
N GLY A 280 -27.64 -10.30 -30.24
CA GLY A 280 -27.98 -11.68 -30.00
C GLY A 280 -26.81 -12.61 -29.80
N ASP A 281 -25.66 -12.09 -29.43
CA ASP A 281 -24.53 -12.93 -29.01
C ASP A 281 -23.50 -12.16 -28.28
N TYR A 282 -22.62 -12.86 -27.58
CA TYR A 282 -21.52 -12.24 -26.86
C TYR A 282 -20.54 -11.66 -27.90
N PRO A 283 -19.76 -10.67 -27.54
CA PRO A 283 -18.68 -10.17 -28.43
C PRO A 283 -17.61 -11.23 -28.77
N GLU A 284 -17.01 -11.11 -29.96
CA GLU A 284 -16.12 -12.12 -30.46
C GLU A 284 -14.94 -12.44 -29.57
N LEU A 285 -14.24 -11.44 -29.05
CA LEU A 285 -13.10 -11.79 -28.23
C LEU A 285 -13.49 -12.37 -26.84
N VAL A 286 -14.70 -12.06 -26.35
CA VAL A 286 -15.18 -12.69 -25.11
C VAL A 286 -15.40 -14.17 -25.37
N LEU A 287 -16.02 -14.53 -26.50
CA LEU A 287 -16.17 -15.90 -26.88
C LEU A 287 -14.83 -16.64 -27.02
N GLU A 288 -13.84 -16.01 -27.63
CA GLU A 288 -12.52 -16.63 -27.69
C GLU A 288 -11.98 -16.98 -26.27
N PHE A 289 -12.08 -16.05 -25.36
CA PHE A 289 -11.61 -16.28 -23.98
C PHE A 289 -12.50 -17.25 -23.20
N ALA A 290 -13.82 -17.13 -23.33
CA ALA A 290 -14.75 -17.68 -22.30
C ALA A 290 -15.82 -18.62 -22.79
N ARG A 291 -15.78 -19.06 -24.05
CA ARG A 291 -16.79 -19.98 -24.48
C ARG A 291 -16.96 -21.20 -23.62
N GLU A 292 -15.86 -21.81 -23.17
CA GLU A 292 -15.93 -23.04 -22.37
C GLU A 292 -16.60 -22.82 -21.01
N TYR A 293 -16.64 -21.56 -20.57
CA TYR A 293 -17.22 -21.23 -19.24
C TYR A 293 -18.69 -20.89 -19.29
N LEU A 294 -19.21 -20.58 -20.47
CA LEU A 294 -20.67 -20.32 -20.65
C LEU A 294 -21.44 -21.56 -20.71
N PRO A 295 -22.75 -21.51 -20.36
CA PRO A 295 -23.51 -22.72 -20.56
C PRO A 295 -23.45 -23.26 -22.00
N GLU A 296 -23.59 -24.57 -22.14
CA GLU A 296 -23.49 -25.25 -23.45
C GLU A 296 -24.45 -24.71 -24.52
N ASN A 297 -25.69 -24.47 -24.11
CA ASN A 297 -26.74 -24.03 -25.06
C ASN A 297 -27.17 -22.60 -24.76
N TYR A 298 -26.20 -21.77 -24.47
CA TYR A 298 -26.47 -20.38 -24.04
C TYR A 298 -27.20 -19.62 -25.13
N LYS A 299 -26.98 -19.96 -26.43
CA LYS A 299 -27.69 -19.25 -27.52
C LYS A 299 -29.16 -19.43 -27.50
N ASP A 300 -29.68 -20.46 -26.86
CA ASP A 300 -31.11 -20.66 -26.76
C ASP A 300 -31.83 -19.53 -26.00
N ASP A 301 -31.09 -18.81 -25.16
CA ASP A 301 -31.64 -17.70 -24.40
C ASP A 301 -31.48 -16.34 -25.06
N MET A 302 -30.73 -16.25 -26.17
CA MET A 302 -30.46 -14.98 -26.76
C MET A 302 -31.66 -14.28 -27.35
N SER A 303 -32.63 -14.99 -27.93
CA SER A 303 -33.74 -14.17 -28.49
C SER A 303 -34.48 -13.42 -27.38
N GLU A 304 -34.69 -14.08 -26.23
CA GLU A 304 -35.29 -13.39 -25.07
C GLU A 304 -34.48 -12.21 -24.51
N ILE A 305 -33.17 -12.36 -24.55
CA ILE A 305 -32.24 -11.34 -24.07
C ILE A 305 -32.37 -10.08 -24.87
N GLN A 306 -32.78 -10.18 -26.15
CA GLN A 306 -32.92 -8.98 -27.00
C GLN A 306 -34.12 -8.09 -26.71
N GLU A 307 -34.82 -8.33 -25.61
CA GLU A 307 -35.95 -7.49 -25.18
C GLU A 307 -35.52 -5.99 -25.30
N LYS A 308 -36.38 -5.16 -25.93
CA LYS A 308 -35.97 -3.78 -26.23
C LYS A 308 -35.86 -2.95 -24.94
N ILE A 309 -34.78 -2.17 -24.90
CA ILE A 309 -34.56 -1.27 -23.79
C ILE A 309 -34.74 0.17 -24.25
N ASP A 310 -34.98 1.07 -23.29
CA ASP A 310 -35.19 2.50 -23.60
C ASP A 310 -33.98 3.37 -23.51
N PHE A 311 -32.98 2.97 -22.71
CA PHE A 311 -31.77 3.74 -22.56
C PHE A 311 -30.64 2.89 -21.99
N VAL A 312 -29.45 3.40 -22.20
CA VAL A 312 -28.25 2.80 -21.64
C VAL A 312 -27.62 3.76 -20.68
N GLY A 313 -27.30 3.28 -19.50
CA GLY A 313 -26.49 4.04 -18.56
C GLY A 313 -25.06 3.61 -18.59
N LEU A 314 -24.16 4.57 -18.66
CA LEU A 314 -22.77 4.31 -18.65
C LEU A 314 -22.13 4.96 -17.43
N ASN A 315 -21.41 4.17 -16.64
CA ASN A 315 -20.59 4.70 -15.55
C ASN A 315 -19.17 4.79 -16.06
N TYR A 316 -18.46 5.84 -15.65
CA TYR A 316 -17.10 6.01 -16.10
C TYR A 316 -16.28 6.76 -15.01
N TYR A 317 -15.10 6.24 -14.75
CA TYR A 317 -14.21 6.81 -13.72
C TYR A 317 -12.76 6.98 -14.19
N SER A 318 -12.26 6.00 -14.95
CA SER A 318 -10.85 5.85 -15.19
C SER A 318 -10.39 5.37 -16.54
N GLY A 319 -9.12 5.67 -16.83
CA GLY A 319 -8.48 5.09 -18.01
C GLY A 319 -7.33 4.16 -17.63
N HIS A 320 -7.01 3.23 -18.53
CA HIS A 320 -5.95 2.25 -18.32
C HIS A 320 -5.10 2.04 -19.55
N LEU A 321 -3.79 1.92 -19.31
CA LEU A 321 -2.83 1.52 -20.33
C LEU A 321 -2.71 0.03 -20.23
N VAL A 322 -2.78 -0.61 -21.39
CA VAL A 322 -2.90 -2.02 -21.46
C VAL A 322 -1.95 -2.60 -22.52
N LYS A 323 -1.46 -3.78 -22.24
CA LYS A 323 -0.47 -4.47 -23.06
C LYS A 323 -0.87 -5.90 -23.07
N PHE A 324 -0.57 -6.61 -24.16
CA PHE A 324 -0.59 -8.06 -24.14
C PHE A 324 0.42 -8.52 -23.11
N ASP A 325 0.13 -9.63 -22.47
CA ASP A 325 1.05 -10.18 -21.47
C ASP A 325 0.81 -11.68 -21.39
N PRO A 326 1.82 -12.52 -21.77
CA PRO A 326 1.60 -13.99 -21.80
C PRO A 326 1.31 -14.68 -20.45
N ASP A 327 1.75 -14.14 -19.32
CA ASP A 327 1.60 -14.84 -18.03
C ASP A 327 0.36 -14.45 -17.18
N ALA A 328 -0.39 -13.46 -17.65
CA ALA A 328 -1.61 -13.02 -16.97
C ALA A 328 -2.77 -13.92 -17.32
N PRO A 329 -3.71 -14.10 -16.35
CA PRO A 329 -4.89 -15.00 -16.48
C PRO A 329 -5.77 -14.83 -17.74
N ALA A 330 -5.84 -13.63 -18.35
CA ALA A 330 -6.58 -13.34 -19.62
C ALA A 330 -5.68 -12.70 -20.72
N LYS A 331 -4.36 -12.82 -20.53
CA LYS A 331 -3.33 -12.34 -21.45
C LYS A 331 -3.27 -10.82 -21.56
N VAL A 332 -3.73 -10.15 -20.50
CA VAL A 332 -3.72 -8.70 -20.44
C VAL A 332 -3.14 -8.27 -19.11
N SER A 333 -2.32 -7.25 -19.11
CA SER A 333 -1.97 -6.63 -17.84
C SER A 333 -2.01 -5.15 -18.01
N PHE A 334 -2.10 -4.48 -16.88
CA PHE A 334 -2.11 -3.04 -16.85
C PHE A 334 -0.69 -2.53 -16.69
N VAL A 335 -0.41 -1.36 -17.25
CA VAL A 335 0.89 -0.74 -17.18
C VAL A 335 0.62 0.59 -16.52
N GLU A 336 1.29 0.87 -15.39
CA GLU A 336 1.05 2.14 -14.69
C GLU A 336 1.63 3.32 -15.49
N ARG A 337 0.93 4.45 -15.46
CA ARG A 337 1.39 5.66 -16.14
C ARG A 337 1.63 6.72 -15.08
N ASP A 338 2.52 7.66 -15.35
CA ASP A 338 2.75 8.77 -14.43
C ASP A 338 1.72 9.82 -14.85
N LEU A 339 0.45 9.61 -14.47
CA LEU A 339 -0.62 10.56 -14.73
C LEU A 339 -1.22 10.91 -13.38
N PRO A 340 -1.85 12.08 -13.23
CA PRO A 340 -2.56 12.32 -11.96
C PRO A 340 -3.55 11.13 -11.64
N LYS A 341 -3.60 10.75 -10.37
CA LYS A 341 -4.42 9.60 -9.89
C LYS A 341 -5.32 10.09 -8.78
N THR A 342 -6.42 9.38 -8.53
CA THR A 342 -7.26 9.71 -7.39
C THR A 342 -6.73 8.94 -6.17
N ALA A 343 -7.38 9.07 -5.04
CA ALA A 343 -7.06 8.24 -3.88
C ALA A 343 -7.32 6.76 -4.09
N MET A 344 -8.07 6.36 -5.12
CA MET A 344 -8.18 4.91 -5.46
C MET A 344 -6.96 4.40 -6.22
N GLY A 345 -6.09 5.30 -6.66
CA GLY A 345 -4.98 4.98 -7.53
C GLY A 345 -5.41 4.93 -8.99
N TRP A 346 -6.59 5.49 -9.30
CA TRP A 346 -7.15 5.39 -10.62
C TRP A 346 -6.66 6.61 -11.45
N GLU A 347 -6.19 6.36 -12.64
CA GLU A 347 -5.71 7.47 -13.53
C GLU A 347 -6.83 8.36 -14.01
N ILE A 348 -6.60 9.68 -13.97
CA ILE A 348 -7.62 10.64 -14.34
C ILE A 348 -7.46 10.89 -15.84
N VAL A 349 -8.47 10.53 -16.63
CA VAL A 349 -8.39 10.62 -18.14
C VAL A 349 -9.73 11.08 -18.68
N PRO A 350 -9.98 12.41 -18.66
CA PRO A 350 -11.34 12.88 -18.95
C PRO A 350 -11.78 12.55 -20.34
N GLU A 351 -10.84 12.48 -21.28
CA GLU A 351 -11.21 12.15 -22.69
C GLU A 351 -11.93 10.82 -22.81
N GLY A 352 -11.73 9.94 -21.84
CA GLY A 352 -12.43 8.65 -21.79
C GLY A 352 -13.91 8.74 -21.77
N ILE A 353 -14.47 9.71 -21.08
CA ILE A 353 -15.92 9.84 -21.03
C ILE A 353 -16.44 10.24 -22.43
N TYR A 354 -15.74 11.14 -23.15
CA TYR A 354 -16.04 11.38 -24.57
C TYR A 354 -15.94 10.13 -25.46
N TRP A 355 -14.84 9.41 -25.35
CA TRP A 355 -14.66 8.24 -26.14
C TRP A 355 -15.75 7.15 -25.97
N ILE A 356 -16.10 6.85 -24.73
CA ILE A 356 -17.08 5.78 -24.49
C ILE A 356 -18.44 6.23 -25.00
N LEU A 357 -18.70 7.54 -24.96
CA LEU A 357 -19.97 8.02 -25.42
C LEU A 357 -20.06 7.95 -26.92
N LYS A 358 -18.96 8.36 -27.58
CA LYS A 358 -18.89 8.25 -29.04
C LYS A 358 -19.01 6.79 -29.45
N LYS A 359 -18.33 5.94 -28.69
CA LYS A 359 -18.21 4.54 -29.08
C LYS A 359 -19.50 3.77 -28.90
N VAL A 360 -20.27 4.08 -27.86
CA VAL A 360 -21.55 3.43 -27.69
C VAL A 360 -22.52 3.80 -28.83
N LYS A 361 -22.55 5.09 -29.22
CA LYS A 361 -23.33 5.52 -30.41
C LYS A 361 -22.92 4.74 -31.65
N GLU A 362 -21.63 4.66 -31.91
CA GLU A 362 -21.13 4.02 -33.11
C GLU A 362 -21.39 2.53 -33.15
N GLU A 363 -21.30 1.86 -32.01
CA GLU A 363 -21.43 0.42 -31.98
C GLU A 363 -22.86 -0.04 -31.89
N TYR A 364 -23.69 0.59 -31.05
CA TYR A 364 -25.06 0.09 -30.84
C TYR A 364 -26.15 1.12 -31.07
N ASN A 365 -25.80 2.39 -31.19
CA ASN A 365 -26.78 3.44 -31.37
C ASN A 365 -28.04 3.44 -30.50
N PRO A 366 -27.88 3.34 -29.17
CA PRO A 366 -29.06 3.34 -28.31
C PRO A 366 -29.84 4.66 -28.42
N PRO A 367 -31.14 4.61 -28.27
CA PRO A 367 -31.93 5.83 -28.42
C PRO A 367 -31.64 6.93 -27.41
N GLU A 368 -31.35 6.58 -26.17
CA GLU A 368 -30.91 7.51 -25.14
C GLU A 368 -29.73 6.95 -24.39
N VAL A 369 -28.84 7.82 -23.93
CA VAL A 369 -27.70 7.43 -23.05
C VAL A 369 -27.72 8.39 -21.85
N TYR A 370 -27.35 7.85 -20.68
CA TYR A 370 -27.08 8.66 -19.50
C TYR A 370 -25.71 8.31 -18.97
N ILE A 371 -24.97 9.30 -18.48
CA ILE A 371 -23.83 9.03 -17.60
C ILE A 371 -24.45 8.90 -16.23
N THR A 372 -24.51 7.63 -15.77
CA THR A 372 -25.26 7.34 -14.54
C THR A 372 -24.33 7.33 -13.27
N GLU A 373 -23.02 7.42 -13.50
CA GLU A 373 -22.02 7.68 -12.46
C GLU A 373 -20.73 8.25 -13.06
N ASN A 374 -20.19 9.25 -12.38
CA ASN A 374 -18.86 9.80 -12.66
C ASN A 374 -18.49 10.58 -11.39
N GLY A 375 -17.26 10.40 -10.98
CA GLY A 375 -16.83 10.92 -9.68
C GLY A 375 -15.42 10.51 -9.33
N ALA A 376 -15.00 10.92 -8.15
CA ALA A 376 -13.64 10.72 -7.74
C ALA A 376 -13.50 10.71 -6.22
N ALA A 377 -12.59 9.87 -5.79
CA ALA A 377 -12.21 9.82 -4.38
C ALA A 377 -10.91 10.61 -4.17
N PHE A 378 -10.96 11.49 -3.18
CA PHE A 378 -9.80 12.27 -2.75
C PHE A 378 -9.76 12.24 -1.22
N ASP A 379 -8.59 12.55 -0.64
CA ASP A 379 -8.43 12.54 0.81
C ASP A 379 -8.94 13.84 1.39
N ASP A 380 -10.25 13.95 1.52
CA ASP A 380 -10.90 15.16 1.92
C ASP A 380 -10.70 15.41 3.38
N VAL A 381 -10.48 16.68 3.70
CA VAL A 381 -10.43 17.16 5.09
C VAL A 381 -11.23 18.42 5.26
N VAL A 382 -11.78 18.55 6.47
CA VAL A 382 -12.51 19.73 6.90
C VAL A 382 -11.49 20.72 7.44
N SER A 383 -11.36 21.83 6.72
CA SER A 383 -10.42 22.93 7.08
C SER A 383 -10.84 23.65 8.34
N GLU A 384 -9.96 24.55 8.86
CA GLU A 384 -10.25 25.31 10.08
C GLU A 384 -11.52 26.15 9.86
N ASP A 385 -11.68 26.58 8.60
CA ASP A 385 -12.81 27.43 8.19
C ASP A 385 -14.17 26.72 8.06
N GLY A 386 -14.23 25.44 8.36
CA GLY A 386 -15.52 24.70 8.36
C GLY A 386 -15.84 24.12 6.98
N ARG A 387 -14.97 24.34 6.01
CA ARG A 387 -15.21 23.97 4.61
C ARG A 387 -14.32 22.82 4.09
N VAL A 388 -14.75 22.15 3.00
CA VAL A 388 -13.93 21.14 2.40
C VAL A 388 -13.49 21.61 1.02
N HIS A 389 -12.21 21.97 0.91
CA HIS A 389 -11.69 22.59 -0.27
C HIS A 389 -11.21 21.55 -1.27
N ASP A 390 -12.17 20.84 -1.89
CA ASP A 390 -11.81 19.82 -2.84
C ASP A 390 -11.71 20.29 -4.29
N GLN A 391 -10.76 21.17 -4.54
CA GLN A 391 -10.50 21.64 -5.88
C GLN A 391 -10.10 20.51 -6.82
N ASN A 392 -9.40 19.49 -6.27
CA ASN A 392 -9.05 18.31 -7.05
C ASN A 392 -10.32 17.62 -7.64
N ARG A 393 -11.38 17.57 -6.84
CA ARG A 393 -12.65 16.96 -7.31
C ARG A 393 -13.37 17.91 -8.30
N ILE A 394 -13.27 19.22 -8.07
CA ILE A 394 -13.89 20.17 -9.00
C ILE A 394 -13.25 20.00 -10.32
N ASP A 395 -11.92 19.95 -10.36
CA ASP A 395 -11.19 19.85 -11.58
C ASP A 395 -11.57 18.61 -12.35
N TYR A 396 -11.74 17.49 -11.64
CA TYR A 396 -12.04 16.18 -12.21
C TYR A 396 -13.42 16.27 -12.81
N LEU A 397 -14.37 16.77 -12.06
CA LEU A 397 -15.73 16.85 -12.51
C LEU A 397 -15.87 17.81 -13.71
N LYS A 398 -15.24 19.00 -13.61
CA LYS A 398 -15.33 19.96 -14.73
C LYS A 398 -14.79 19.40 -16.00
N ALA A 399 -13.68 18.70 -15.96
CA ALA A 399 -13.16 18.14 -17.15
C ALA A 399 -14.02 17.08 -17.80
N HIS A 400 -14.65 16.23 -16.97
CA HIS A 400 -15.47 15.17 -17.53
C HIS A 400 -16.79 15.75 -18.06
N ILE A 401 -17.36 16.73 -17.37
CA ILE A 401 -18.58 17.40 -17.84
C ILE A 401 -18.33 18.08 -19.21
N GLY A 402 -17.15 18.69 -19.38
CA GLY A 402 -16.76 19.29 -20.68
C GLY A 402 -16.69 18.33 -21.85
N GLN A 403 -16.13 17.14 -21.57
CA GLN A 403 -16.03 16.06 -22.54
C GLN A 403 -17.41 15.47 -22.86
N ALA A 404 -18.26 15.35 -21.85
CA ALA A 404 -19.65 14.98 -22.10
C ALA A 404 -20.40 15.97 -23.04
N TRP A 405 -20.19 17.25 -22.78
CA TRP A 405 -20.72 18.30 -23.62
C TRP A 405 -20.27 18.12 -25.07
N LYS A 406 -18.99 17.82 -25.25
CA LYS A 406 -18.44 17.55 -26.58
C LYS A 406 -19.18 16.49 -27.36
N ALA A 407 -19.36 15.34 -26.71
CA ALA A 407 -20.10 14.26 -27.29
C ALA A 407 -21.48 14.68 -27.66
N ILE A 408 -22.15 15.50 -26.87
CA ILE A 408 -23.47 16.02 -27.24
C ILE A 408 -23.41 16.85 -28.55
N GLN A 409 -22.35 17.65 -28.68
CA GLN A 409 -22.24 18.51 -29.86
C GLN A 409 -22.03 17.65 -31.09
N GLU A 410 -21.44 16.46 -30.91
CA GLU A 410 -21.26 15.50 -32.00
C GLU A 410 -22.31 14.43 -32.13
N GLY A 411 -23.49 14.64 -31.56
CA GLY A 411 -24.66 13.83 -31.87
C GLY A 411 -24.99 12.68 -30.92
N VAL A 412 -24.26 12.53 -29.81
CA VAL A 412 -24.62 11.44 -28.86
C VAL A 412 -25.87 11.91 -28.11
N PRO A 413 -26.91 11.06 -28.03
CA PRO A 413 -28.13 11.45 -27.38
C PRO A 413 -28.06 11.28 -25.82
N LEU A 414 -27.15 12.04 -25.21
CA LEU A 414 -26.89 12.06 -23.75
C LEU A 414 -27.96 12.91 -23.11
N LYS A 415 -28.78 12.33 -22.28
CA LYS A 415 -29.92 13.03 -21.67
C LYS A 415 -29.71 13.48 -20.23
N GLY A 416 -28.65 13.01 -19.64
CA GLY A 416 -28.37 13.32 -18.24
C GLY A 416 -27.00 12.84 -17.80
N TYR A 417 -26.60 13.38 -16.63
CA TYR A 417 -25.27 13.19 -16.04
C TYR A 417 -25.44 13.15 -14.53
N PHE A 418 -25.02 12.05 -13.89
CA PHE A 418 -25.15 11.85 -12.45
C PHE A 418 -23.76 11.75 -11.74
N VAL A 419 -23.58 12.60 -10.74
CA VAL A 419 -22.34 12.59 -10.01
C VAL A 419 -22.42 11.40 -8.97
N TRP A 420 -21.39 10.59 -8.96
CA TRP A 420 -21.17 9.63 -7.85
C TRP A 420 -20.21 10.32 -6.89
N SER A 421 -20.61 10.64 -5.68
CA SER A 421 -21.91 10.41 -5.04
C SER A 421 -22.44 11.64 -4.32
N LEU A 422 -23.72 11.65 -3.96
CA LEU A 422 -24.18 12.69 -3.09
C LEU A 422 -23.31 12.74 -1.83
N LEU A 423 -23.08 11.60 -1.22
CA LEU A 423 -22.55 11.50 0.16
C LEU A 423 -21.30 10.61 0.12
N ASP A 424 -20.34 10.91 0.99
CA ASP A 424 -19.25 9.98 1.27
C ASP A 424 -19.99 8.75 1.89
N ASN A 425 -19.49 7.59 1.57
CA ASN A 425 -20.27 6.41 1.98
C ASN A 425 -19.39 5.15 2.09
N PHE A 426 -20.04 4.02 2.32
CA PHE A 426 -19.34 2.71 2.38
C PHE A 426 -18.90 2.27 1.01
N GLU A 427 -17.60 2.32 0.74
CA GLU A 427 -17.04 2.04 -0.56
C GLU A 427 -16.68 0.58 -0.69
N TRP A 428 -17.68 -0.28 -0.47
CA TRP A 428 -17.52 -1.71 -0.68
C TRP A 428 -16.29 -2.29 0.05
N ALA A 429 -15.41 -3.00 -0.60
CA ALA A 429 -14.28 -3.62 0.10
C ALA A 429 -13.31 -2.60 0.68
N GLU A 430 -13.39 -1.32 0.24
CA GLU A 430 -12.52 -0.32 0.85
C GLU A 430 -13.12 0.27 2.11
N GLY A 431 -14.38 -0.06 2.41
CA GLY A 431 -15.06 0.49 3.59
C GLY A 431 -15.18 1.99 3.52
N TYR A 432 -15.03 2.64 4.66
CA TYR A 432 -15.17 4.10 4.76
C TYR A 432 -13.93 4.87 4.44
N SER A 433 -12.88 4.20 4.03
CA SER A 433 -11.63 4.88 3.76
C SER A 433 -11.59 5.69 2.46
N LYS A 434 -12.60 5.62 1.59
CA LYS A 434 -12.60 6.35 0.31
C LYS A 434 -13.83 7.20 0.25
N ARG A 435 -13.63 8.51 0.13
CA ARG A 435 -14.71 9.53 0.13
C ARG A 435 -14.94 10.03 -1.31
N PHE A 436 -16.11 9.69 -1.84
CA PHE A 436 -16.54 10.09 -3.20
C PHE A 436 -17.63 11.18 -3.20
N GLY A 437 -18.08 11.60 -2.04
CA GLY A 437 -19.19 12.51 -1.92
C GLY A 437 -18.88 13.92 -2.43
N ILE A 438 -19.92 14.59 -2.85
CA ILE A 438 -19.88 16.07 -2.95
C ILE A 438 -20.29 16.70 -1.64
N VAL A 439 -20.73 15.85 -0.69
CA VAL A 439 -21.10 16.18 0.66
C VAL A 439 -20.26 15.28 1.56
N TYR A 440 -19.53 15.90 2.49
CA TYR A 440 -18.74 15.22 3.43
C TYR A 440 -19.61 14.70 4.54
N VAL A 441 -19.32 13.47 5.01
CA VAL A 441 -20.04 12.97 6.17
C VAL A 441 -19.03 12.70 7.30
N ASP A 442 -19.27 13.34 8.42
CA ASP A 442 -18.48 13.06 9.64
C ASP A 442 -19.17 11.92 10.33
N TYR A 443 -18.55 10.76 10.23
CA TYR A 443 -19.23 9.53 10.71
C TYR A 443 -19.38 9.46 12.22
N SER A 444 -18.59 10.24 12.97
CA SER A 444 -18.78 10.27 14.46
C SER A 444 -20.05 10.97 14.89
N THR A 445 -20.50 11.97 14.14
CA THR A 445 -21.72 12.68 14.42
C THR A 445 -22.83 12.59 13.40
N GLN A 446 -22.49 12.03 12.22
CA GLN A 446 -23.37 12.05 11.04
C GLN A 446 -23.64 13.42 10.46
N LYS A 447 -22.87 14.42 10.86
CA LYS A 447 -23.01 15.72 10.24
C LYS A 447 -22.64 15.68 8.73
N ARG A 448 -23.41 16.40 7.92
CA ARG A 448 -23.18 16.58 6.50
C ARG A 448 -22.56 17.98 6.30
N ILE A 449 -21.49 18.07 5.57
CA ILE A 449 -20.87 19.33 5.17
C ILE A 449 -20.73 19.31 3.65
N VAL A 450 -21.46 20.21 3.00
CA VAL A 450 -21.33 20.32 1.56
C VAL A 450 -19.93 20.72 1.19
N LYS A 451 -19.30 19.97 0.32
CA LYS A 451 -17.92 20.22 -0.09
C LYS A 451 -17.93 21.37 -1.14
N ASP A 452 -16.78 21.99 -1.36
CA ASP A 452 -16.72 23.01 -2.45
C ASP A 452 -17.20 22.43 -3.78
N SER A 453 -16.91 21.15 -4.05
CA SER A 453 -17.37 20.47 -5.28
C SER A 453 -18.90 20.43 -5.37
N GLY A 454 -19.60 20.24 -4.26
CA GLY A 454 -21.07 20.33 -4.23
C GLY A 454 -21.62 21.73 -4.56
N TYR A 455 -20.96 22.76 -4.01
CA TYR A 455 -21.38 24.11 -4.36
C TYR A 455 -21.15 24.42 -5.79
N TRP A 456 -19.99 24.04 -6.30
CA TRP A 456 -19.62 24.15 -7.68
C TRP A 456 -20.57 23.48 -8.61
N TYR A 457 -20.96 22.26 -8.24
CA TYR A 457 -21.97 21.55 -9.08
C TYR A 457 -23.33 22.17 -9.09
N SER A 458 -23.76 22.72 -7.98
CA SER A 458 -25.08 23.34 -7.88
C SER A 458 -25.16 24.51 -8.85
N ASN A 459 -24.02 25.19 -9.01
CA ASN A 459 -23.96 26.34 -9.94
C ASN A 459 -23.98 25.86 -11.38
N VAL A 460 -23.27 24.78 -11.66
CA VAL A 460 -23.35 24.12 -12.97
C VAL A 460 -24.84 23.74 -13.26
N VAL A 461 -25.51 23.15 -12.32
CA VAL A 461 -26.89 22.71 -12.61
C VAL A 461 -27.80 23.92 -12.86
N LYS A 462 -27.70 24.91 -11.98
CA LYS A 462 -28.46 26.19 -12.14
C LYS A 462 -28.22 26.83 -13.52
N ASN A 463 -26.97 26.85 -13.98
CA ASN A 463 -26.66 27.48 -15.28
C ASN A 463 -26.89 26.53 -16.46
N ASN A 464 -27.21 25.28 -16.17
CA ASN A 464 -27.31 24.23 -17.20
C ASN A 464 -26.04 24.07 -18.00
N GLY A 465 -24.92 24.20 -17.31
CA GLY A 465 -23.62 23.91 -17.90
C GLY A 465 -22.49 24.69 -17.29
N LEU A 466 -21.36 24.72 -18.00
CA LEU A 466 -20.09 25.25 -17.55
C LEU A 466 -19.82 26.65 -18.12
N GLU A 467 -18.98 27.42 -17.42
CA GLU A 467 -18.67 28.84 -17.82
C GLU A 467 -17.26 29.22 -17.39
N VAL B 25 -2.75 -0.35 -3.34
CA VAL B 25 -2.53 -1.56 -2.47
C VAL B 25 -1.22 -2.29 -2.84
N LYS B 26 -0.24 -2.26 -1.94
CA LYS B 26 1.06 -2.92 -2.16
C LYS B 26 1.21 -3.98 -1.07
N LYS B 27 0.73 -5.20 -1.34
CA LYS B 27 0.82 -6.31 -0.37
C LYS B 27 2.17 -7.01 -0.57
N PHE B 28 2.77 -7.46 0.53
CA PHE B 28 4.11 -8.10 0.48
C PHE B 28 3.88 -9.59 0.58
N PRO B 29 4.91 -10.40 0.27
CA PRO B 29 4.76 -11.84 0.29
C PRO B 29 4.35 -12.42 1.63
N GLU B 30 3.93 -13.68 1.60
CA GLU B 30 3.53 -14.38 2.80
C GLU B 30 4.79 -14.57 3.64
N GLY B 31 4.66 -14.29 4.92
CA GLY B 31 5.76 -14.44 5.85
C GLY B 31 6.84 -13.37 5.80
N PHE B 32 6.70 -12.35 4.96
CA PHE B 32 7.53 -11.19 5.06
C PHE B 32 7.70 -10.68 6.49
N LEU B 33 8.95 -10.44 6.90
CA LEU B 33 9.26 -10.06 8.27
C LEU B 33 9.33 -8.55 8.45
N TRP B 34 8.51 -8.00 9.35
CA TRP B 34 8.45 -6.57 9.58
C TRP B 34 9.08 -6.33 10.91
N GLY B 35 10.02 -5.38 10.96
CA GLY B 35 10.81 -5.27 12.17
C GLY B 35 11.12 -3.87 12.60
N VAL B 36 11.71 -3.80 13.80
CA VAL B 36 12.34 -2.59 14.27
C VAL B 36 13.80 -2.94 14.70
N ALA B 37 14.66 -1.92 14.67
CA ALA B 37 16.08 -2.18 15.01
C ALA B 37 16.62 -1.19 16.07
N THR B 38 17.50 -1.71 16.93
CA THR B 38 18.31 -0.82 17.79
C THR B 38 19.77 -1.26 17.82
N ALA B 39 20.59 -0.51 18.59
CA ALA B 39 21.94 -1.01 18.96
C ALA B 39 22.25 -0.79 20.45
N SER B 40 23.03 -1.69 21.05
CA SER B 40 23.36 -1.70 22.47
C SER B 40 23.80 -0.40 23.07
N TYR B 41 24.89 0.18 22.55
CA TYR B 41 25.42 1.43 23.12
C TYR B 41 24.41 2.59 22.95
N GLN B 42 23.61 2.51 21.88
CA GLN B 42 22.73 3.59 21.52
C GLN B 42 21.51 3.72 22.50
N ILE B 43 21.12 2.60 23.10
CA ILE B 43 19.95 2.57 24.00
C ILE B 43 20.13 2.17 25.44
N GLU B 44 21.17 1.40 25.76
CA GLU B 44 21.19 0.70 27.04
C GLU B 44 21.48 1.60 28.27
N GLY B 45 22.50 2.46 28.18
CA GLY B 45 23.09 3.07 29.36
C GLY B 45 23.68 2.04 30.24
N SER B 46 24.11 2.48 31.46
CA SER B 46 24.73 1.56 32.38
C SER B 46 25.86 0.75 31.75
N PRO B 47 26.75 1.47 31.02
CA PRO B 47 27.84 0.74 30.34
C PRO B 47 28.79 -0.07 31.25
N LEU B 48 29.00 0.39 32.50
CA LEU B 48 29.86 -0.33 33.46
C LEU B 48 29.08 -1.08 34.53
N ALA B 49 27.76 -1.22 34.43
CA ALA B 49 27.02 -2.04 35.43
C ALA B 49 27.40 -3.48 35.38
N ASP B 50 27.30 -4.18 36.51
CA ASP B 50 27.32 -5.66 36.56
C ASP B 50 28.57 -6.33 35.97
N GLY B 51 29.71 -5.68 36.22
CA GLY B 51 30.99 -6.24 35.87
C GLY B 51 31.40 -6.03 34.39
N ALA B 52 30.67 -5.18 33.67
CA ALA B 52 30.97 -4.93 32.23
C ALA B 52 32.29 -4.17 32.07
N GLY B 53 33.04 -4.49 30.99
CA GLY B 53 34.26 -3.78 30.66
C GLY B 53 33.88 -2.56 29.88
N MET B 54 34.79 -1.58 29.85
CA MET B 54 34.57 -0.37 29.08
C MET B 54 34.63 -0.75 27.60
N SER B 55 33.87 -0.01 26.80
CA SER B 55 33.95 -0.10 25.32
C SER B 55 34.69 1.10 24.77
N ILE B 56 35.06 1.00 23.49
CA ILE B 56 35.68 2.14 22.85
C ILE B 56 34.74 3.32 22.70
N TRP B 57 33.42 3.11 22.71
CA TRP B 57 32.51 4.24 22.62
C TRP B 57 32.35 5.02 23.95
N HIS B 58 32.52 4.30 25.01
CA HIS B 58 32.61 4.92 26.36
C HIS B 58 33.82 5.84 26.45
N THR B 59 34.97 5.33 26.04
CA THR B 59 36.19 6.12 26.14
C THR B 59 36.18 7.24 25.12
N PHE B 60 35.67 6.98 23.91
CA PHE B 60 35.58 7.99 22.86
C PHE B 60 34.60 9.10 23.21
N SER B 61 33.45 8.75 23.77
CA SER B 61 32.45 9.76 24.10
C SER B 61 32.81 10.56 25.38
N HIS B 62 33.62 9.97 26.25
CA HIS B 62 34.20 10.66 27.45
C HIS B 62 35.43 11.49 27.18
N THR B 63 35.87 11.51 25.91
CA THR B 63 36.89 12.40 25.45
C THR B 63 36.29 13.69 24.97
N PRO B 64 36.71 14.80 25.55
CA PRO B 64 36.13 16.05 25.08
C PRO B 64 36.36 16.38 23.63
N GLY B 65 35.33 16.85 22.96
CA GLY B 65 35.39 17.26 21.59
C GLY B 65 34.97 16.26 20.56
N ASN B 66 34.70 15.03 20.98
CA ASN B 66 34.37 13.98 20.04
C ASN B 66 32.88 13.88 19.77
N VAL B 67 32.01 14.22 20.74
CA VAL B 67 30.54 14.05 20.55
C VAL B 67 29.85 15.41 20.82
N LYS B 68 28.87 15.73 20.00
CA LYS B 68 28.12 17.00 20.15
C LYS B 68 27.59 17.16 21.60
N ASN B 69 27.75 18.39 22.14
CA ASN B 69 27.31 18.71 23.51
C ASN B 69 27.94 17.83 24.59
N GLY B 70 29.02 17.11 24.29
CA GLY B 70 29.56 16.16 25.22
C GLY B 70 28.65 15.04 25.60
N ASP B 71 27.68 14.69 24.75
CA ASP B 71 26.83 13.58 25.12
C ASP B 71 27.61 12.26 25.18
N THR B 72 27.11 11.36 26.00
CA THR B 72 27.65 10.03 26.14
C THR B 72 26.52 9.04 26.19
N GLY B 73 26.85 7.75 26.15
CA GLY B 73 25.92 6.67 26.42
C GLY B 73 25.74 6.20 27.83
N ASP B 74 26.11 7.04 28.82
CA ASP B 74 26.06 6.63 30.21
C ASP B 74 24.63 6.21 30.61
N VAL B 75 23.68 6.95 30.07
CA VAL B 75 22.25 6.78 30.41
C VAL B 75 21.42 6.40 29.18
N ALA B 76 21.48 7.19 28.12
CA ALA B 76 20.79 6.91 26.86
C ALA B 76 19.30 6.77 27.23
N CYS B 77 18.66 5.69 26.82
CA CYS B 77 17.22 5.45 27.07
C CYS B 77 17.01 4.54 28.25
N ASP B 78 18.10 4.20 28.94
CA ASP B 78 18.04 3.39 30.13
C ASP B 78 17.35 2.06 29.83
N HIS B 79 17.59 1.50 28.64
CA HIS B 79 17.06 0.21 28.28
C HIS B 79 17.65 -0.89 29.11
N TYR B 80 18.82 -0.66 29.72
CA TYR B 80 19.35 -1.67 30.60
C TYR B 80 18.35 -1.99 31.75
N ASN B 81 17.65 -0.95 32.20
CA ASN B 81 16.62 -1.09 33.27
C ASN B 81 15.18 -1.24 32.72
N ARG B 82 14.87 -0.50 31.66
CA ARG B 82 13.53 -0.41 31.09
C ARG B 82 13.24 -1.33 29.90
N TRP B 83 13.94 -2.45 29.84
CA TRP B 83 13.86 -3.34 28.67
C TRP B 83 12.49 -3.99 28.50
N LYS B 84 11.89 -4.47 29.60
CA LYS B 84 10.54 -5.15 29.52
C LYS B 84 9.50 -4.24 28.87
N GLU B 85 9.42 -2.99 29.36
CA GLU B 85 8.50 -2.01 28.78
C GLU B 85 8.68 -1.88 27.28
N ASP B 86 9.93 -1.69 26.88
CA ASP B 86 10.25 -1.47 25.48
C ASP B 86 9.81 -2.64 24.59
N ILE B 87 10.01 -3.86 25.07
CA ILE B 87 9.60 -5.05 24.34
C ILE B 87 8.06 -5.05 24.29
N GLU B 88 7.42 -4.67 25.38
CA GLU B 88 5.94 -4.53 25.41
C GLU B 88 5.45 -3.53 24.38
N ILE B 89 6.16 -2.44 24.17
CA ILE B 89 5.79 -1.54 23.08
C ILE B 89 5.85 -2.24 21.73
N ILE B 90 6.88 -3.07 21.54
CA ILE B 90 7.03 -3.79 20.28
C ILE B 90 5.78 -4.70 20.17
N GLU B 91 5.48 -5.45 21.23
CA GLU B 91 4.24 -6.28 21.29
C GLU B 91 2.92 -5.48 20.96
N LYS B 92 2.64 -4.42 21.73
CA LYS B 92 1.47 -3.55 21.52
C LYS B 92 1.34 -3.04 20.07
N LEU B 93 2.48 -2.91 19.38
CA LEU B 93 2.52 -2.53 17.96
C LEU B 93 2.42 -3.71 17.01
N GLY B 94 2.48 -4.95 17.50
CA GLY B 94 2.45 -6.14 16.61
C GLY B 94 3.61 -6.28 15.61
N VAL B 95 4.72 -5.58 15.86
CA VAL B 95 5.93 -5.74 15.06
C VAL B 95 6.44 -7.17 15.33
N LYS B 96 6.84 -7.85 14.27
CA LYS B 96 7.12 -9.29 14.37
C LYS B 96 8.62 -9.65 14.59
N ALA B 97 9.52 -8.68 14.35
CA ALA B 97 10.98 -8.91 14.54
C ALA B 97 11.64 -7.75 15.27
N TYR B 98 12.63 -8.11 16.08
CA TYR B 98 13.45 -7.11 16.76
C TYR B 98 14.94 -7.40 16.47
N ARG B 99 15.55 -6.45 15.78
CA ARG B 99 17.00 -6.46 15.51
C ARG B 99 17.67 -5.64 16.65
N PHE B 100 18.50 -6.33 17.46
CA PHE B 100 19.23 -5.63 18.50
C PHE B 100 20.66 -6.13 18.52
N SER B 101 21.54 -5.34 19.12
CA SER B 101 22.92 -5.87 19.31
C SER B 101 23.31 -6.28 20.69
N ILE B 102 24.38 -7.06 20.76
CA ILE B 102 24.95 -7.52 22.03
C ILE B 102 26.25 -6.72 22.28
N SER B 103 26.36 -6.12 23.46
CA SER B 103 27.60 -5.44 23.90
C SER B 103 28.67 -6.43 24.24
N TRP B 104 29.68 -6.51 23.36
CA TRP B 104 30.82 -7.43 23.56
C TRP B 104 31.40 -7.32 25.01
N PRO B 105 31.71 -6.10 25.51
CA PRO B 105 32.33 -5.97 26.81
C PRO B 105 31.39 -6.21 28.03
N ARG B 106 30.08 -6.34 27.81
CA ARG B 106 29.19 -6.97 28.84
C ARG B 106 29.38 -8.45 28.98
N ILE B 107 29.76 -9.12 27.91
CA ILE B 107 29.87 -10.56 27.87
C ILE B 107 31.31 -10.97 28.21
N LEU B 108 32.29 -10.29 27.59
CA LEU B 108 33.70 -10.57 27.86
C LEU B 108 34.34 -9.24 28.22
N PRO B 109 34.41 -8.92 29.52
CA PRO B 109 34.84 -7.55 29.85
C PRO B 109 36.25 -7.24 29.40
N GLU B 110 37.11 -8.25 29.28
CA GLU B 110 38.53 -8.03 28.81
C GLU B 110 38.63 -8.38 27.33
N GLY B 111 37.50 -8.55 26.66
CA GLY B 111 37.51 -8.97 25.28
C GLY B 111 37.62 -10.46 25.00
N THR B 112 38.54 -11.15 25.66
CA THR B 112 38.61 -12.60 25.60
C THR B 112 38.69 -13.06 27.05
N GLY B 113 38.66 -14.37 27.23
CA GLY B 113 38.83 -14.98 28.57
C GLY B 113 37.50 -15.13 29.31
N ARG B 114 37.44 -14.49 30.47
CA ARG B 114 36.34 -14.71 31.43
C ARG B 114 35.01 -14.19 30.92
N VAL B 115 34.00 -15.04 30.95
CA VAL B 115 32.62 -14.64 30.61
C VAL B 115 31.89 -14.03 31.80
N ASN B 116 31.23 -12.91 31.60
CA ASN B 116 30.49 -12.24 32.63
C ASN B 116 29.05 -12.82 32.67
N GLN B 117 28.75 -13.63 33.69
CA GLN B 117 27.41 -14.26 33.82
C GLN B 117 26.30 -13.21 33.79
N LYS B 118 26.48 -12.10 34.48
CA LYS B 118 25.45 -11.07 34.45
C LYS B 118 25.12 -10.48 33.09
N GLY B 119 26.11 -10.49 32.19
CA GLY B 119 25.85 -9.96 30.86
C GLY B 119 25.05 -10.99 30.12
N LEU B 120 25.41 -12.25 30.32
CA LEU B 120 24.63 -13.34 29.73
C LEU B 120 23.16 -13.24 30.19
N ASP B 121 22.98 -13.00 31.50
CA ASP B 121 21.62 -12.92 32.09
C ASP B 121 20.82 -11.82 31.44
N PHE B 122 21.46 -10.68 31.20
CA PHE B 122 20.74 -9.55 30.65
C PHE B 122 20.11 -9.87 29.30
N TYR B 123 20.90 -10.43 28.38
CA TYR B 123 20.37 -10.70 27.06
C TYR B 123 19.43 -11.95 27.09
N ASN B 124 19.69 -12.92 27.95
CA ASN B 124 18.80 -14.11 28.05
C ASN B 124 17.37 -13.75 28.45
N ARG B 125 17.21 -12.85 29.41
CA ARG B 125 15.87 -12.32 29.70
C ARG B 125 15.25 -11.59 28.51
N ILE B 126 16.02 -10.81 27.75
CA ILE B 126 15.48 -10.16 26.60
C ILE B 126 15.05 -11.18 25.55
N ILE B 127 15.90 -12.18 25.34
CA ILE B 127 15.63 -13.24 24.37
C ILE B 127 14.39 -14.04 24.80
N ASP B 128 14.32 -14.43 26.07
CA ASP B 128 13.15 -15.22 26.54
C ASP B 128 11.85 -14.45 26.38
N THR B 129 11.84 -13.18 26.74
CA THR B 129 10.66 -12.30 26.62
C THR B 129 10.19 -12.15 25.17
N LEU B 130 11.11 -11.94 24.24
CA LEU B 130 10.73 -11.76 22.84
C LEU B 130 10.01 -13.02 22.30
N LEU B 131 10.57 -14.17 22.63
CA LEU B 131 10.06 -15.47 22.17
C LEU B 131 8.65 -15.75 22.77
N GLU B 132 8.47 -15.51 24.06
CA GLU B 132 7.15 -15.57 24.75
C GLU B 132 6.12 -14.74 24.05
N LYS B 133 6.51 -13.53 23.64
CA LYS B 133 5.61 -12.72 22.87
C LYS B 133 5.56 -13.02 21.39
N GLY B 134 6.18 -14.12 20.94
CA GLY B 134 6.30 -14.41 19.49
C GLY B 134 6.93 -13.31 18.63
N ILE B 135 7.93 -12.58 19.16
CA ILE B 135 8.72 -11.62 18.34
C ILE B 135 10.03 -12.34 17.99
N THR B 136 10.42 -12.31 16.69
CA THR B 136 11.63 -13.02 16.23
C THR B 136 12.88 -12.13 16.44
N PRO B 137 13.83 -12.62 17.23
CA PRO B 137 15.09 -11.87 17.43
C PRO B 137 16.09 -11.99 16.25
N PHE B 138 16.57 -10.84 15.76
CA PHE B 138 17.72 -10.77 14.84
C PHE B 138 18.88 -10.17 15.64
N VAL B 139 19.89 -10.96 15.96
CA VAL B 139 20.98 -10.47 16.82
C VAL B 139 22.20 -10.01 16.00
N THR B 140 22.54 -8.74 16.17
CA THR B 140 23.81 -8.17 15.67
C THR B 140 24.91 -8.45 16.72
N ILE B 141 25.96 -9.17 16.32
CA ILE B 141 27.03 -9.57 17.17
C ILE B 141 27.87 -8.32 17.47
N TYR B 142 28.13 -7.56 16.43
CA TYR B 142 28.96 -6.34 16.58
C TYR B 142 28.32 -5.15 16.00
N HIS B 143 27.91 -4.23 16.86
CA HIS B 143 27.45 -2.92 16.40
C HIS B 143 28.24 -1.81 17.07
N TRP B 144 29.59 -1.97 16.99
CA TRP B 144 30.61 -0.89 17.11
C TRP B 144 31.19 -0.70 18.49
N ASP B 145 30.66 -1.41 19.50
CA ASP B 145 31.17 -1.24 20.87
C ASP B 145 32.24 -2.25 21.23
N LEU B 146 33.40 -2.09 20.58
CA LEU B 146 34.52 -3.00 20.82
C LEU B 146 34.95 -2.86 22.27
N PRO B 147 35.33 -3.94 22.93
CA PRO B 147 35.93 -3.84 24.28
C PRO B 147 37.24 -2.96 24.25
N PHE B 148 37.28 -2.00 25.11
CA PHE B 148 38.47 -1.15 25.27
C PHE B 148 39.72 -1.97 25.42
N ALA B 149 39.67 -3.07 26.16
CA ALA B 149 40.80 -3.94 26.37
C ALA B 149 41.43 -4.41 25.04
N LEU B 150 40.60 -4.63 24.05
CA LEU B 150 41.07 -5.03 22.74
C LEU B 150 41.56 -3.87 21.88
N GLN B 151 41.06 -2.67 22.05
CA GLN B 151 41.55 -1.51 21.42
C GLN B 151 43.01 -1.23 21.86
N LEU B 152 43.31 -1.48 23.13
CA LEU B 152 44.70 -1.32 23.62
C LEU B 152 45.64 -2.26 22.93
N LYS B 153 45.14 -3.37 22.37
CA LYS B 153 45.90 -4.29 21.55
C LYS B 153 45.78 -4.07 20.03
N GLY B 154 45.26 -2.93 19.65
CA GLY B 154 45.15 -2.51 18.23
C GLY B 154 43.79 -2.67 17.59
N GLY B 155 42.89 -3.30 18.34
CA GLY B 155 41.54 -3.40 17.84
C GLY B 155 41.49 -4.02 16.46
N TRP B 156 40.66 -3.42 15.60
CA TRP B 156 40.47 -3.94 14.23
C TRP B 156 41.69 -3.87 13.37
N ALA B 157 42.72 -3.14 13.83
CA ALA B 157 44.00 -3.09 13.12
C ALA B 157 44.81 -4.37 13.29
N ASN B 158 44.52 -5.19 14.32
CA ASN B 158 45.33 -6.32 14.67
C ASN B 158 44.78 -7.56 14.04
N ARG B 159 45.58 -8.27 13.24
CA ARG B 159 45.12 -9.57 12.65
C ARG B 159 44.52 -10.54 13.66
N GLU B 160 45.02 -10.49 14.88
N GLU B 160 44.98 -10.52 14.90
CA GLU B 160 44.52 -11.31 15.96
CA GLU B 160 44.42 -11.37 15.97
C GLU B 160 43.03 -11.16 16.24
C GLU B 160 42.99 -11.10 16.35
N ILE B 161 42.41 -10.02 15.87
CA ILE B 161 40.98 -9.78 16.15
C ILE B 161 40.13 -10.86 15.47
N ALA B 162 40.61 -11.53 14.43
CA ALA B 162 39.79 -12.63 13.80
C ALA B 162 39.62 -13.73 14.83
N ASP B 163 40.64 -14.00 15.65
CA ASP B 163 40.51 -15.02 16.73
C ASP B 163 39.68 -14.50 17.88
N TRP B 164 39.93 -13.26 18.28
CA TRP B 164 39.16 -12.66 19.37
C TRP B 164 37.65 -12.72 19.01
N PHE B 165 37.34 -12.32 17.79
CA PHE B 165 35.93 -12.22 17.35
C PHE B 165 35.28 -13.60 17.24
N ALA B 166 36.06 -14.58 16.79
CA ALA B 166 35.61 -15.97 16.72
C ALA B 166 35.25 -16.51 18.12
N GLU B 167 36.13 -16.23 19.08
N GLU B 167 36.07 -16.21 19.12
CA GLU B 167 35.91 -16.60 20.48
CA GLU B 167 35.79 -16.71 20.47
C GLU B 167 34.63 -15.97 21.06
C GLU B 167 34.65 -15.96 21.17
N TYR B 168 34.44 -14.69 20.85
CA TYR B 168 33.31 -13.99 21.26
C TYR B 168 32.05 -14.59 20.61
N SER B 169 32.11 -14.79 19.29
CA SER B 169 30.97 -15.32 18.49
C SER B 169 30.53 -16.71 19.05
N ARG B 170 31.51 -17.55 19.33
N ARG B 170 31.52 -17.54 19.35
CA ARG B 170 31.26 -18.86 19.96
CA ARG B 170 31.33 -18.88 19.96
C ARG B 170 30.45 -18.71 21.25
C ARG B 170 30.61 -18.84 21.32
N VAL B 171 30.88 -17.82 22.14
CA VAL B 171 30.24 -17.66 23.43
C VAL B 171 28.75 -17.33 23.21
N LEU B 172 28.47 -16.36 22.33
CA LEU B 172 27.11 -15.97 21.93
C LEU B 172 26.34 -17.18 21.34
N PHE B 173 26.98 -17.94 20.47
CA PHE B 173 26.28 -19.06 19.80
C PHE B 173 25.99 -20.16 20.81
N GLU B 174 26.96 -20.46 21.69
CA GLU B 174 26.76 -21.56 22.66
C GLU B 174 25.72 -21.20 23.68
N ASN B 175 25.67 -19.95 24.13
CA ASN B 175 24.70 -19.52 25.15
C ASN B 175 23.34 -19.09 24.64
N PHE B 176 23.27 -18.63 23.40
CA PHE B 176 22.06 -18.07 22.87
C PHE B 176 21.55 -18.74 21.62
N GLY B 177 22.28 -19.68 21.02
CA GLY B 177 21.91 -20.20 19.70
C GLY B 177 20.75 -21.20 19.70
N ASP B 178 20.53 -21.85 20.84
CA ASP B 178 19.30 -22.65 21.07
C ASP B 178 17.98 -21.88 20.76
N ARG B 179 17.94 -20.58 20.99
CA ARG B 179 16.75 -19.79 20.73
C ARG B 179 16.87 -18.73 19.64
N VAL B 180 18.04 -18.08 19.53
CA VAL B 180 18.24 -17.13 18.44
C VAL B 180 18.78 -17.90 17.25
N LYS B 181 18.07 -17.82 16.12
CA LYS B 181 18.42 -18.48 14.87
C LYS B 181 18.68 -17.51 13.72
N ASN B 182 18.64 -16.21 13.96
CA ASN B 182 18.94 -15.24 12.89
C ASN B 182 20.04 -14.27 13.41
N TRP B 183 21.19 -14.27 12.75
CA TRP B 183 22.39 -13.61 13.29
C TRP B 183 23.06 -12.77 12.23
N ILE B 184 23.69 -11.66 12.65
CA ILE B 184 24.39 -10.77 11.79
C ILE B 184 25.76 -10.65 12.47
N THR B 185 26.81 -10.85 11.68
CA THR B 185 28.19 -10.73 12.21
C THR B 185 28.51 -9.27 12.57
N LEU B 186 28.48 -8.43 11.56
CA LEU B 186 28.94 -7.08 11.61
C LEU B 186 27.92 -6.15 11.08
N ASN B 187 27.72 -5.03 11.81
CA ASN B 187 27.02 -3.91 11.29
C ASN B 187 27.95 -2.91 10.63
N GLU B 188 27.81 -2.75 9.32
CA GLU B 188 28.36 -1.65 8.58
C GLU B 188 29.92 -1.59 8.77
N PRO B 189 30.59 -2.65 8.36
CA PRO B 189 32.10 -2.61 8.45
C PRO B 189 32.75 -1.46 7.72
N TRP B 190 32.15 -0.93 6.64
CA TRP B 190 32.75 0.25 6.01
C TRP B 190 32.86 1.40 7.01
N VAL B 191 31.79 1.60 7.79
CA VAL B 191 31.75 2.69 8.80
C VAL B 191 32.80 2.44 9.90
N VAL B 192 32.85 1.21 10.38
CA VAL B 192 33.77 0.83 11.44
C VAL B 192 35.21 1.15 10.97
N ALA B 193 35.58 0.71 9.78
CA ALA B 193 36.93 0.88 9.28
C ALA B 193 37.18 2.34 8.94
N ILE B 194 36.36 2.89 8.03
CA ILE B 194 36.66 4.18 7.43
C ILE B 194 36.31 5.35 8.35
N VAL B 195 35.09 5.37 8.88
CA VAL B 195 34.72 6.44 9.80
C VAL B 195 35.44 6.34 11.16
N GLY B 196 35.80 5.15 11.62
CA GLY B 196 36.50 5.02 12.91
C GLY B 196 37.98 5.17 12.78
N HIS B 197 38.54 4.88 11.59
CA HIS B 197 40.01 4.81 11.46
C HIS B 197 40.63 5.67 10.39
N LEU B 198 39.83 6.24 9.46
CA LEU B 198 40.32 7.17 8.50
C LEU B 198 39.82 8.60 8.80
N TYR B 199 38.54 8.78 9.02
CA TYR B 199 37.99 10.12 9.27
C TYR B 199 38.15 10.51 10.71
N GLY B 200 38.22 9.53 11.60
CA GLY B 200 38.39 9.78 13.02
C GLY B 200 37.09 10.28 13.72
N VAL B 201 35.92 10.19 13.04
CA VAL B 201 34.65 10.76 13.57
C VAL B 201 33.98 9.81 14.52
N HIS B 202 34.23 8.50 14.35
CA HIS B 202 33.78 7.49 15.26
C HIS B 202 34.95 6.81 16.01
N ALA B 203 34.62 6.20 17.13
CA ALA B 203 35.57 5.41 17.89
C ALA B 203 36.25 4.35 16.93
N PRO B 204 37.57 4.16 17.06
CA PRO B 204 38.42 4.70 18.12
C PRO B 204 39.05 6.07 17.82
N GLY B 205 38.64 6.74 16.76
CA GLY B 205 38.96 8.10 16.51
C GLY B 205 40.33 8.30 15.91
N MET B 206 40.71 7.42 15.00
CA MET B 206 42.00 7.50 14.32
C MET B 206 41.89 8.07 12.87
N ARG B 207 42.98 8.65 12.37
CA ARG B 207 43.08 9.06 11.00
C ARG B 207 44.32 8.54 10.36
N ASP B 208 44.24 7.31 9.87
CA ASP B 208 45.36 6.67 9.21
C ASP B 208 44.88 5.70 8.14
N ILE B 209 45.20 5.99 6.87
CA ILE B 209 44.54 5.21 5.78
C ILE B 209 45.07 3.81 5.69
N TYR B 210 46.32 3.60 6.08
CA TYR B 210 46.86 2.25 6.14
C TYR B 210 46.20 1.41 7.21
N VAL B 211 45.95 2.01 8.37
CA VAL B 211 45.22 1.31 9.39
C VAL B 211 43.75 0.98 8.94
N ALA B 212 43.11 1.93 8.30
CA ALA B 212 41.73 1.82 7.90
C ALA B 212 41.54 0.66 6.93
N PHE B 213 42.45 0.48 6.00
CA PHE B 213 42.36 -0.68 5.07
C PHE B 213 42.74 -2.00 5.68
N ARG B 214 43.64 -1.97 6.68
CA ARG B 214 43.86 -3.18 7.46
C ARG B 214 42.64 -3.58 8.27
N ALA B 215 41.92 -2.57 8.78
CA ALA B 215 40.67 -2.83 9.47
C ALA B 215 39.59 -3.42 8.52
N VAL B 216 39.49 -2.89 7.26
CA VAL B 216 38.57 -3.48 6.24
C VAL B 216 38.84 -4.95 6.12
N HIS B 217 40.13 -5.26 5.92
CA HIS B 217 40.55 -6.63 5.71
C HIS B 217 40.36 -7.56 6.92
N ASN B 218 40.67 -7.08 8.14
CA ASN B 218 40.44 -7.83 9.34
C ASN B 218 38.96 -8.01 9.69
N LEU B 219 38.14 -7.03 9.31
CA LEU B 219 36.68 -7.15 9.43
C LEU B 219 36.22 -8.35 8.61
N LEU B 220 36.67 -8.43 7.40
CA LEU B 220 36.29 -9.61 6.55
C LEU B 220 36.77 -10.92 7.13
N ARG B 221 38.00 -10.92 7.63
CA ARG B 221 38.57 -12.13 8.16
C ARG B 221 37.80 -12.59 9.44
N ALA B 222 37.44 -11.65 10.33
CA ALA B 222 36.73 -11.91 11.61
C ALA B 222 35.28 -12.41 11.29
N HIS B 223 34.63 -11.70 10.37
CA HIS B 223 33.32 -12.18 9.84
C HIS B 223 33.36 -13.64 9.41
N ALA B 224 34.30 -13.96 8.56
CA ALA B 224 34.39 -15.32 8.04
C ALA B 224 34.67 -16.36 9.12
N ARG B 225 35.52 -16.01 10.12
CA ARG B 225 35.78 -16.91 11.24
C ARG B 225 34.53 -17.17 12.04
N ALA B 226 33.68 -16.14 12.21
CA ALA B 226 32.49 -16.25 13.01
C ALA B 226 31.50 -17.16 12.27
N VAL B 227 31.43 -17.01 10.95
CA VAL B 227 30.45 -17.83 10.16
C VAL B 227 30.91 -19.27 10.26
N LYS B 228 32.21 -19.54 10.16
CA LYS B 228 32.73 -20.90 10.28
C LYS B 228 32.36 -21.50 11.65
N VAL B 229 32.48 -20.71 12.72
CA VAL B 229 32.10 -21.18 14.09
C VAL B 229 30.60 -21.40 14.16
N PHE B 230 29.83 -20.52 13.51
CA PHE B 230 28.38 -20.59 13.52
C PHE B 230 27.94 -21.97 12.94
N ARG B 231 28.62 -22.42 11.88
CA ARG B 231 28.19 -23.69 11.23
C ARG B 231 28.41 -24.89 12.14
N GLU B 232 29.38 -24.79 13.03
CA GLU B 232 29.69 -25.82 14.01
C GLU B 232 28.87 -25.76 15.30
N THR B 233 28.08 -24.72 15.54
CA THR B 233 27.46 -24.54 16.85
C THR B 233 25.94 -24.27 16.80
N VAL B 234 25.41 -23.74 15.70
CA VAL B 234 23.97 -23.46 15.65
C VAL B 234 23.27 -24.34 14.63
N LYS B 235 22.20 -25.01 15.09
CA LYS B 235 21.36 -25.91 14.32
C LYS B 235 20.26 -25.10 13.65
N ASP B 236 20.09 -25.26 12.34
CA ASP B 236 19.03 -24.59 11.62
C ASP B 236 18.97 -23.06 11.88
N GLY B 237 20.13 -22.40 11.88
CA GLY B 237 20.15 -20.95 12.02
C GLY B 237 20.66 -20.37 10.71
N LYS B 238 20.43 -19.06 10.55
CA LYS B 238 20.94 -18.33 9.43
C LYS B 238 21.86 -17.19 9.96
N ILE B 239 22.89 -16.93 9.16
CA ILE B 239 23.89 -15.87 9.45
C ILE B 239 24.19 -15.05 8.21
N GLY B 240 24.34 -13.74 8.40
CA GLY B 240 24.57 -12.81 7.33
C GLY B 240 25.39 -11.63 7.90
N ILE B 241 25.35 -10.53 7.17
CA ILE B 241 26.25 -9.41 7.40
C ILE B 241 25.53 -8.23 6.83
N VAL B 242 25.75 -7.06 7.43
CA VAL B 242 25.03 -5.86 7.11
C VAL B 242 25.91 -4.79 6.56
N PHE B 243 25.49 -4.14 5.46
CA PHE B 243 26.24 -3.04 4.86
C PHE B 243 25.49 -1.78 4.76
N ASN B 244 26.18 -0.67 4.99
CA ASN B 244 25.67 0.64 4.67
C ASN B 244 25.70 0.82 3.17
N ASN B 245 24.70 1.55 2.64
CA ASN B 245 24.63 1.80 1.22
C ASN B 245 24.03 3.22 0.98
N GLY B 246 24.54 3.91 0.00
CA GLY B 246 23.96 5.13 -0.51
C GLY B 246 23.69 5.00 -2.01
N TYR B 247 22.73 5.79 -2.49
CA TYR B 247 22.40 5.75 -3.92
C TYR B 247 23.09 6.91 -4.52
N PHE B 248 24.15 6.65 -5.22
CA PHE B 248 25.03 7.64 -5.87
C PHE B 248 24.56 7.89 -7.31
N GLU B 249 24.37 9.16 -7.66
CA GLU B 249 24.08 9.59 -9.04
C GLU B 249 25.15 10.57 -9.52
N PRO B 250 25.45 10.57 -10.84
CA PRO B 250 26.43 11.45 -11.41
C PRO B 250 25.84 12.83 -11.62
N ALA B 251 26.70 13.83 -11.46
CA ALA B 251 26.30 15.24 -11.54
C ALA B 251 26.00 15.64 -12.97
N SER B 252 26.62 14.93 -13.90
CA SER B 252 26.41 15.11 -15.32
C SER B 252 26.52 13.77 -16.01
N GLU B 253 26.20 13.75 -17.31
CA GLU B 253 26.43 12.55 -18.15
C GLU B 253 27.87 12.42 -18.66
N LYS B 254 28.79 13.27 -18.21
CA LYS B 254 30.24 13.18 -18.57
C LYS B 254 30.91 11.85 -18.07
N GLU B 255 31.72 11.18 -18.92
CA GLU B 255 32.38 9.88 -18.61
C GLU B 255 32.99 9.84 -17.19
N GLU B 256 33.72 10.91 -16.87
CA GLU B 256 34.42 11.03 -15.57
C GLU B 256 33.51 11.00 -14.35
N ASP B 257 32.31 11.57 -14.44
CA ASP B 257 31.37 11.55 -13.34
C ASP B 257 30.70 10.20 -13.22
N ILE B 258 30.45 9.56 -14.36
CA ILE B 258 29.86 8.23 -14.32
C ILE B 258 30.85 7.26 -13.64
N ARG B 259 32.15 7.38 -13.96
N ARG B 259 32.16 7.42 -13.93
CA ARG B 259 33.17 6.58 -13.32
CA ARG B 259 33.25 6.61 -13.34
C ARG B 259 33.12 6.89 -11.79
C ARG B 259 33.44 6.93 -11.82
N ALA B 260 33.17 8.17 -11.43
CA ALA B 260 33.09 8.56 -10.02
C ALA B 260 31.99 7.87 -9.23
N VAL B 261 30.82 7.73 -9.84
CA VAL B 261 29.75 7.00 -9.23
C VAL B 261 30.17 5.53 -9.08
N ARG B 262 30.75 4.96 -10.12
CA ARG B 262 31.13 3.56 -10.08
C ARG B 262 32.13 3.36 -8.88
N PHE B 263 33.06 4.31 -8.68
CA PHE B 263 34.02 4.22 -7.61
C PHE B 263 33.28 4.31 -6.26
N MET B 264 32.31 5.24 -6.14
CA MET B 264 31.60 5.36 -4.89
C MET B 264 30.80 4.17 -4.55
N HIS B 265 30.15 3.55 -5.54
CA HIS B 265 29.42 2.33 -5.25
C HIS B 265 30.36 1.16 -4.82
N GLN B 266 31.44 1.01 -5.54
CA GLN B 266 32.42 -0.06 -5.25
C GLN B 266 33.03 0.12 -3.83
N PHE B 267 33.30 1.35 -3.42
CA PHE B 267 34.02 1.59 -2.12
C PHE B 267 33.02 1.73 -0.94
N ASN B 268 31.96 2.54 -1.11
CA ASN B 268 31.07 2.89 -0.01
C ASN B 268 29.96 1.92 0.19
N ASN B 269 29.56 1.18 -0.84
CA ASN B 269 28.45 0.26 -0.71
C ASN B 269 28.91 -1.22 -0.58
N TYR B 270 27.94 -2.14 -0.57
CA TYR B 270 28.21 -3.55 -0.39
C TYR B 270 29.40 -4.19 -1.22
N PRO B 271 29.75 -3.72 -2.46
CA PRO B 271 30.81 -4.43 -3.22
C PRO B 271 32.15 -4.53 -2.52
N LEU B 272 32.48 -3.57 -1.65
CA LEU B 272 33.76 -3.62 -0.96
C LEU B 272 33.92 -4.91 -0.22
N PHE B 273 32.86 -5.41 0.36
CA PHE B 273 32.84 -6.67 1.13
C PHE B 273 32.31 -7.87 0.36
N LEU B 274 31.32 -7.64 -0.48
CA LEU B 274 30.77 -8.73 -1.25
C LEU B 274 31.60 -9.20 -2.39
N ASN B 275 32.42 -8.32 -2.97
CA ASN B 275 33.34 -8.79 -3.99
C ASN B 275 34.29 -9.81 -3.36
N PRO B 276 34.86 -9.51 -2.16
CA PRO B 276 35.71 -10.54 -1.52
C PRO B 276 34.94 -11.83 -1.20
N ILE B 277 33.76 -11.69 -0.59
CA ILE B 277 33.00 -12.83 -0.10
C ILE B 277 32.53 -13.73 -1.26
N TYR B 278 32.00 -13.09 -2.32
CA TYR B 278 31.57 -13.90 -3.52
C TYR B 278 32.60 -14.17 -4.65
N ARG B 279 33.57 -13.28 -4.88
CA ARG B 279 34.52 -13.36 -6.01
C ARG B 279 35.99 -13.51 -5.60
N GLY B 280 36.30 -13.33 -4.34
CA GLY B 280 37.66 -13.64 -3.84
C GLY B 280 38.63 -12.56 -4.13
N ASP B 281 38.16 -11.31 -4.32
CA ASP B 281 39.06 -10.15 -4.34
C ASP B 281 38.24 -8.86 -4.08
N TYR B 282 38.92 -7.76 -3.80
CA TYR B 282 38.28 -6.50 -3.69
C TYR B 282 37.88 -6.02 -5.10
N PRO B 283 36.89 -5.09 -5.16
CA PRO B 283 36.55 -4.52 -6.47
C PRO B 283 37.69 -3.79 -7.16
N GLU B 284 37.67 -3.77 -8.52
CA GLU B 284 38.78 -3.22 -9.27
C GLU B 284 39.08 -1.75 -8.97
N LEU B 285 38.10 -0.86 -8.87
CA LEU B 285 38.39 0.54 -8.70
C LEU B 285 38.85 0.80 -7.24
N VAL B 286 38.44 -0.07 -6.30
CA VAL B 286 38.94 -0.01 -4.89
C VAL B 286 40.43 -0.38 -4.90
N LEU B 287 40.82 -1.40 -5.64
CA LEU B 287 42.21 -1.77 -5.73
C LEU B 287 43.06 -0.72 -6.42
N GLU B 288 42.49 -0.04 -7.43
CA GLU B 288 43.24 1.02 -8.12
C GLU B 288 43.55 2.12 -7.12
N PHE B 289 42.59 2.43 -6.29
CA PHE B 289 42.78 3.48 -5.21
C PHE B 289 43.67 3.01 -4.06
N ALA B 290 43.50 1.78 -3.62
CA ALA B 290 43.89 1.37 -2.28
C ALA B 290 44.81 0.22 -2.16
N ARG B 291 45.28 -0.35 -3.28
CA ARG B 291 46.22 -1.46 -3.18
C ARG B 291 47.43 -1.16 -2.27
N GLU B 292 47.94 0.05 -2.32
CA GLU B 292 49.12 0.35 -1.50
C GLU B 292 48.80 0.34 0.02
N TYR B 293 47.52 0.45 0.39
CA TYR B 293 47.13 0.51 1.81
C TYR B 293 46.77 -0.82 2.39
N LEU B 294 46.48 -1.80 1.54
CA LEU B 294 46.11 -3.11 2.03
C LEU B 294 47.28 -3.89 2.47
N PRO B 295 47.04 -4.88 3.32
CA PRO B 295 48.20 -5.64 3.75
C PRO B 295 48.91 -6.37 2.62
N GLU B 296 50.24 -6.47 2.76
CA GLU B 296 51.00 -7.38 1.98
C GLU B 296 50.39 -8.79 2.10
N ASN B 297 50.21 -9.39 0.93
CA ASN B 297 49.69 -10.74 0.82
C ASN B 297 48.26 -10.91 1.27
N TYR B 298 47.48 -9.84 1.20
CA TYR B 298 46.11 -9.93 1.60
C TYR B 298 45.33 -11.02 0.87
N LYS B 299 45.70 -11.25 -0.37
CA LYS B 299 44.89 -12.18 -1.20
C LYS B 299 45.03 -13.58 -0.69
N ASP B 300 46.05 -13.85 0.13
CA ASP B 300 46.19 -15.16 0.79
C ASP B 300 45.00 -15.49 1.71
N ASP B 301 44.27 -14.47 2.22
CA ASP B 301 43.19 -14.70 3.12
C ASP B 301 41.85 -14.83 2.37
N MET B 302 41.84 -14.64 1.06
CA MET B 302 40.57 -14.54 0.34
C MET B 302 39.82 -15.83 0.26
N SER B 303 40.54 -16.94 0.18
CA SER B 303 39.82 -18.23 0.10
C SER B 303 39.07 -18.47 1.42
N GLU B 304 39.65 -18.06 2.57
CA GLU B 304 38.96 -18.19 3.86
C GLU B 304 37.73 -17.22 3.95
N ILE B 305 37.92 -16.03 3.41
CA ILE B 305 36.90 -14.97 3.43
C ILE B 305 35.63 -15.41 2.70
N GLN B 306 35.77 -16.27 1.72
CA GLN B 306 34.59 -16.78 0.96
C GLN B 306 33.68 -17.79 1.64
N GLU B 307 33.88 -18.01 2.92
CA GLU B 307 32.95 -18.78 3.75
C GLU B 307 31.48 -18.42 3.37
N LYS B 308 30.66 -19.41 3.01
CA LYS B 308 29.29 -19.12 2.50
C LYS B 308 28.41 -18.48 3.56
N ILE B 309 27.65 -17.44 3.17
CA ILE B 309 26.71 -16.73 4.03
C ILE B 309 25.24 -17.03 3.59
N ASP B 310 24.29 -16.80 4.47
CA ASP B 310 22.91 -17.12 4.20
C ASP B 310 22.10 -15.92 3.71
N PHE B 311 22.43 -14.70 4.15
CA PHE B 311 21.71 -13.53 3.69
C PHE B 311 22.60 -12.32 3.70
N VAL B 312 22.22 -11.32 2.92
CA VAL B 312 22.83 -9.99 2.97
C VAL B 312 21.86 -8.99 3.54
N GLY B 313 22.25 -8.30 4.61
CA GLY B 313 21.50 -7.19 5.14
C GLY B 313 21.93 -5.89 4.49
N LEU B 314 20.99 -5.11 3.96
CA LEU B 314 21.30 -3.73 3.45
C LEU B 314 20.62 -2.68 4.30
N ASN B 315 21.43 -1.74 4.78
CA ASN B 315 20.95 -0.52 5.39
C ASN B 315 20.88 0.58 4.32
N TYR B 316 19.85 1.42 4.36
CA TYR B 316 19.73 2.44 3.34
C TYR B 316 18.95 3.62 3.96
N TYR B 317 19.52 4.78 3.73
CA TYR B 317 19.01 6.05 4.19
C TYR B 317 18.94 7.13 3.12
N SER B 318 19.95 7.30 2.28
CA SER B 318 20.01 8.49 1.47
C SER B 318 20.76 8.35 0.17
N GLY B 319 20.61 9.41 -0.62
CA GLY B 319 21.21 9.54 -1.94
C GLY B 319 22.13 10.73 -1.98
N HIS B 320 23.07 10.72 -2.91
CA HIS B 320 24.07 11.71 -3.08
C HIS B 320 24.38 11.85 -4.54
N LEU B 321 24.73 13.06 -4.94
CA LEU B 321 25.07 13.37 -6.28
C LEU B 321 26.54 13.57 -6.23
N VAL B 322 27.29 12.98 -7.17
CA VAL B 322 28.72 13.06 -7.13
C VAL B 322 29.28 13.39 -8.46
N LYS B 323 30.52 13.89 -8.43
CA LYS B 323 31.27 14.29 -9.58
C LYS B 323 32.75 13.93 -9.41
N PHE B 324 33.44 13.76 -10.55
CA PHE B 324 34.88 13.65 -10.60
C PHE B 324 35.50 14.98 -10.19
N ASP B 325 36.71 14.92 -9.63
CA ASP B 325 37.36 16.13 -9.12
C ASP B 325 38.80 15.78 -8.82
N PRO B 326 39.77 16.23 -9.67
CA PRO B 326 41.17 15.81 -9.55
C PRO B 326 41.88 16.24 -8.24
N ASP B 327 41.22 17.05 -7.41
CA ASP B 327 41.78 17.53 -6.17
C ASP B 327 41.33 16.80 -4.92
N ALA B 328 40.19 16.11 -4.97
CA ALA B 328 39.70 15.33 -3.81
C ALA B 328 40.55 14.04 -3.70
N PRO B 329 40.89 13.58 -2.46
CA PRO B 329 41.80 12.43 -2.27
C PRO B 329 41.49 11.18 -3.12
N ALA B 330 40.21 10.82 -3.22
CA ALA B 330 39.74 9.68 -4.06
C ALA B 330 39.30 10.11 -5.46
N LYS B 331 39.51 11.40 -5.79
CA LYS B 331 39.12 12.04 -7.05
C LYS B 331 37.60 12.14 -7.26
N VAL B 332 36.88 12.26 -6.14
CA VAL B 332 35.42 12.36 -6.08
C VAL B 332 34.94 13.36 -5.02
N SER B 333 33.97 14.20 -5.38
CA SER B 333 33.29 15.14 -4.44
C SER B 333 31.80 15.03 -4.54
N PHE B 334 31.12 15.25 -3.41
CA PHE B 334 29.68 15.29 -3.37
C PHE B 334 29.26 16.70 -3.83
N VAL B 335 27.99 16.83 -4.21
CA VAL B 335 27.43 18.09 -4.74
C VAL B 335 26.05 18.22 -4.17
N GLU B 336 25.75 19.37 -3.56
CA GLU B 336 24.45 19.54 -2.89
C GLU B 336 23.34 19.66 -3.96
N ARG B 337 22.14 19.22 -3.58
CA ARG B 337 20.94 19.26 -4.44
C ARG B 337 19.83 19.92 -3.61
N ASP B 338 18.83 20.48 -4.28
CA ASP B 338 17.75 21.16 -3.59
C ASP B 338 16.61 20.18 -3.48
N LEU B 339 16.81 19.12 -2.71
CA LEU B 339 15.79 18.10 -2.49
C LEU B 339 15.36 18.11 -1.02
N PRO B 340 14.20 17.50 -0.70
CA PRO B 340 13.81 17.33 0.71
C PRO B 340 14.89 16.60 1.54
N LYS B 341 15.21 17.15 2.71
CA LYS B 341 16.30 16.66 3.56
C LYS B 341 15.78 16.35 4.94
N THR B 342 16.46 15.44 5.63
CA THR B 342 16.11 15.12 7.02
C THR B 342 16.87 16.11 7.89
N ALA B 343 16.63 16.04 9.19
CA ALA B 343 17.43 16.76 10.23
C ALA B 343 18.95 16.50 10.19
N MET B 344 19.39 15.37 9.64
CA MET B 344 20.82 15.12 9.40
C MET B 344 21.34 15.87 8.18
N GLY B 345 20.46 16.49 7.38
CA GLY B 345 20.89 17.08 6.09
C GLY B 345 20.94 16.09 4.93
N TRP B 346 20.46 14.86 5.14
CA TRP B 346 20.60 13.80 4.12
C TRP B 346 19.41 13.82 3.16
N GLU B 347 19.73 13.81 1.85
CA GLU B 347 18.74 13.92 0.77
C GLU B 347 17.85 12.67 0.68
N ILE B 348 16.53 12.89 0.62
CA ILE B 348 15.53 11.85 0.68
C ILE B 348 15.24 11.40 -0.75
N VAL B 349 15.82 10.26 -1.14
CA VAL B 349 15.73 9.72 -2.47
C VAL B 349 15.22 8.29 -2.40
N PRO B 350 13.91 8.08 -2.25
CA PRO B 350 13.38 6.72 -2.04
C PRO B 350 13.69 5.72 -3.14
N GLU B 351 13.91 6.19 -4.37
CA GLU B 351 14.21 5.29 -5.47
C GLU B 351 15.59 4.58 -5.28
N GLY B 352 16.46 5.16 -4.42
CA GLY B 352 17.71 4.50 -4.08
C GLY B 352 17.58 3.13 -3.45
N ILE B 353 16.54 2.90 -2.65
CA ILE B 353 16.33 1.57 -2.09
C ILE B 353 15.98 0.52 -3.12
N TYR B 354 15.29 0.93 -4.18
CA TYR B 354 15.02 0.02 -5.30
C TYR B 354 16.33 -0.26 -6.07
N TRP B 355 17.06 0.80 -6.38
CA TRP B 355 18.27 0.68 -7.14
C TRP B 355 19.26 -0.28 -6.43
N ILE B 356 19.38 -0.18 -5.10
CA ILE B 356 20.40 -0.89 -4.37
C ILE B 356 20.02 -2.38 -4.30
N LEU B 357 18.71 -2.63 -4.16
CA LEU B 357 18.16 -3.99 -4.17
C LEU B 357 18.30 -4.70 -5.51
N LYS B 358 17.99 -3.98 -6.58
CA LYS B 358 18.19 -4.50 -7.93
C LYS B 358 19.66 -4.77 -8.20
N LYS B 359 20.50 -3.76 -7.87
CA LYS B 359 21.96 -3.90 -8.13
C LYS B 359 22.57 -5.08 -7.34
N VAL B 360 22.20 -5.32 -6.09
CA VAL B 360 22.83 -6.44 -5.36
C VAL B 360 22.46 -7.79 -5.96
N LYS B 361 21.19 -7.89 -6.41
CA LYS B 361 20.75 -9.08 -7.09
C LYS B 361 21.50 -9.28 -8.42
N GLU B 362 21.63 -8.27 -9.28
CA GLU B 362 22.40 -8.37 -10.53
C GLU B 362 23.88 -8.70 -10.29
N GLU B 363 24.50 -8.04 -9.28
CA GLU B 363 25.97 -8.19 -9.14
C GLU B 363 26.41 -9.47 -8.41
N TYR B 364 25.67 -9.86 -7.37
CA TYR B 364 26.10 -10.95 -6.46
C TYR B 364 25.04 -12.05 -6.27
N ASN B 365 23.79 -11.71 -6.61
CA ASN B 365 22.69 -12.65 -6.45
C ASN B 365 22.64 -13.42 -5.13
N PRO B 366 22.66 -12.70 -3.99
CA PRO B 366 22.55 -13.39 -2.74
C PRO B 366 21.20 -14.23 -2.63
N PRO B 367 21.18 -15.34 -1.89
CA PRO B 367 19.93 -16.13 -1.83
C PRO B 367 18.79 -15.41 -1.05
N GLU B 368 19.14 -14.58 -0.08
CA GLU B 368 18.19 -13.73 0.63
C GLU B 368 18.78 -12.38 0.90
N VAL B 369 17.91 -11.37 0.92
CA VAL B 369 18.27 -10.00 1.28
C VAL B 369 17.29 -9.47 2.32
N TYR B 370 17.78 -8.73 3.32
CA TYR B 370 16.92 -7.93 4.22
C TYR B 370 17.29 -6.48 4.15
N ILE B 371 16.30 -5.58 4.22
CA ILE B 371 16.55 -4.20 4.63
C ILE B 371 16.69 -4.19 6.14
N THR B 372 17.94 -4.05 6.62
CA THR B 372 18.18 -4.20 8.06
C THR B 372 18.04 -2.88 8.83
N GLU B 373 18.06 -1.77 8.12
CA GLU B 373 17.76 -0.45 8.65
C GLU B 373 17.29 0.46 7.55
N ASN B 374 16.25 1.24 7.87
CA ASN B 374 15.81 2.32 7.01
C ASN B 374 15.02 3.27 7.91
N GLY B 375 15.22 4.56 7.75
CA GLY B 375 14.69 5.47 8.75
C GLY B 375 15.01 6.88 8.51
N ALA B 376 14.46 7.76 9.36
CA ALA B 376 14.83 9.16 9.29
C ALA B 376 14.72 9.92 10.60
N ALA B 377 15.49 10.98 10.65
CA ALA B 377 15.50 11.92 11.76
C ALA B 377 14.80 13.22 11.32
N PHE B 378 13.93 13.71 12.18
CA PHE B 378 13.24 15.00 11.98
C PHE B 378 13.17 15.67 13.36
N ASP B 379 13.05 17.00 13.40
CA ASP B 379 12.82 17.72 14.67
C ASP B 379 11.39 17.44 15.17
N ASP B 380 11.23 16.39 15.98
CA ASP B 380 9.93 15.92 16.49
C ASP B 380 9.51 16.62 17.79
N VAL B 381 8.29 17.16 17.83
CA VAL B 381 7.78 17.89 19.01
C VAL B 381 6.61 17.14 19.66
N VAL B 382 6.48 17.20 21.00
CA VAL B 382 5.30 16.68 21.70
C VAL B 382 4.32 17.85 21.74
N SER B 383 3.06 17.62 21.35
CA SER B 383 2.05 18.70 21.37
C SER B 383 1.14 18.58 22.59
N GLU B 384 0.33 19.62 22.84
CA GLU B 384 -0.63 19.65 23.97
C GLU B 384 -1.32 18.29 24.17
N ASP B 385 -1.70 17.65 23.05
CA ASP B 385 -2.29 16.29 23.05
C ASP B 385 -1.46 15.14 23.67
N GLY B 386 -0.15 15.33 23.87
CA GLY B 386 0.73 14.27 24.38
C GLY B 386 0.96 13.18 23.35
N ARG B 387 0.86 13.57 22.08
CA ARG B 387 1.16 12.71 20.93
C ARG B 387 2.23 13.46 20.14
N VAL B 388 2.86 12.76 19.19
CA VAL B 388 3.88 13.36 18.32
C VAL B 388 3.45 13.11 16.88
N HIS B 389 3.21 14.20 16.15
CA HIS B 389 2.61 14.15 14.82
C HIS B 389 3.68 14.25 13.78
N ASP B 390 4.34 13.10 13.59
CA ASP B 390 5.47 12.97 12.65
C ASP B 390 5.01 12.45 11.30
N GLN B 391 4.18 13.26 10.62
CA GLN B 391 3.78 12.93 9.26
C GLN B 391 5.00 12.74 8.37
N ASN B 392 6.03 13.58 8.57
CA ASN B 392 7.28 13.58 7.74
C ASN B 392 7.99 12.22 7.71
N ARG B 393 8.04 11.56 8.86
CA ARG B 393 8.58 10.19 8.97
C ARG B 393 7.70 9.21 8.24
N ILE B 394 6.38 9.34 8.43
CA ILE B 394 5.39 8.50 7.72
C ILE B 394 5.63 8.62 6.20
N ASP B 395 5.76 9.84 5.69
CA ASP B 395 5.97 10.04 4.24
C ASP B 395 7.30 9.36 3.80
N TYR B 396 8.33 9.52 4.62
CA TYR B 396 9.65 8.96 4.29
C TYR B 396 9.53 7.44 4.21
N LEU B 397 9.04 6.85 5.27
CA LEU B 397 8.94 5.43 5.31
C LEU B 397 8.06 4.83 4.24
N LYS B 398 6.90 5.48 4.00
CA LYS B 398 5.90 4.97 3.03
C LYS B 398 6.55 4.92 1.66
N ALA B 399 7.28 5.98 1.30
CA ALA B 399 7.93 6.02 0.00
C ALA B 399 8.99 4.89 -0.14
N HIS B 400 9.71 4.56 0.93
CA HIS B 400 10.79 3.57 0.84
C HIS B 400 10.29 2.12 0.75
N ILE B 401 9.35 1.78 1.62
CA ILE B 401 8.63 0.52 1.64
C ILE B 401 7.94 0.22 0.28
N GLY B 402 7.48 1.28 -0.39
CA GLY B 402 6.91 1.14 -1.74
C GLY B 402 7.94 0.88 -2.83
N GLN B 403 9.11 1.52 -2.72
CA GLN B 403 10.23 1.20 -3.59
C GLN B 403 10.76 -0.21 -3.27
N ALA B 404 10.74 -0.64 -2.01
CA ALA B 404 11.06 -2.04 -1.67
C ALA B 404 10.10 -3.08 -2.27
N TRP B 405 8.82 -2.77 -2.23
CA TRP B 405 7.81 -3.62 -2.88
C TRP B 405 8.09 -3.81 -4.37
N LYS B 406 8.41 -2.72 -5.06
CA LYS B 406 8.67 -2.73 -6.46
C LYS B 406 9.85 -3.65 -6.75
N ALA B 407 10.91 -3.53 -5.96
CA ALA B 407 12.03 -4.45 -6.10
C ALA B 407 11.60 -5.91 -6.01
N ILE B 408 10.79 -6.25 -5.02
CA ILE B 408 10.26 -7.59 -4.93
C ILE B 408 9.51 -7.99 -6.25
N GLN B 409 8.76 -7.07 -6.82
CA GLN B 409 8.01 -7.39 -8.05
C GLN B 409 8.95 -7.73 -9.18
N GLU B 410 10.16 -7.18 -9.18
CA GLU B 410 11.13 -7.49 -10.22
C GLU B 410 12.13 -8.61 -9.85
N GLY B 411 11.72 -9.47 -8.89
CA GLY B 411 12.43 -10.69 -8.55
C GLY B 411 13.54 -10.62 -7.49
N VAL B 412 13.66 -9.52 -6.76
CA VAL B 412 14.68 -9.44 -5.68
C VAL B 412 14.18 -10.24 -4.51
N PRO B 413 15.01 -11.17 -3.99
CA PRO B 413 14.56 -12.00 -2.87
C PRO B 413 14.56 -11.31 -1.47
N LEU B 414 13.85 -10.19 -1.37
CA LEU B 414 13.74 -9.45 -0.14
C LEU B 414 12.78 -10.10 0.84
N LYS B 415 13.31 -10.51 2.00
CA LYS B 415 12.60 -11.25 3.03
C LYS B 415 12.10 -10.47 4.27
N GLY B 416 12.52 -9.22 4.43
CA GLY B 416 12.13 -8.45 5.60
C GLY B 416 12.60 -7.02 5.53
N TYR B 417 12.09 -6.22 6.45
CA TYR B 417 12.33 -4.79 6.48
C TYR B 417 12.29 -4.38 7.94
N PHE B 418 13.33 -3.68 8.36
CA PHE B 418 13.51 -3.20 9.71
C PHE B 418 13.60 -1.71 9.72
N VAL B 419 12.80 -1.08 10.58
CA VAL B 419 12.80 0.37 10.73
C VAL B 419 13.89 0.78 11.75
N TRP B 420 14.69 1.78 11.38
CA TRP B 420 15.64 2.36 12.31
C TRP B 420 14.94 3.63 12.74
N SER B 421 14.59 3.75 14.01
CA SER B 421 14.72 2.82 15.09
C SER B 421 13.40 2.74 15.92
N LEU B 422 13.32 1.73 16.80
CA LEU B 422 12.26 1.67 17.82
C LEU B 422 12.20 2.92 18.70
N LEU B 423 13.35 3.34 19.24
CA LEU B 423 13.45 4.45 20.19
C LEU B 423 14.33 5.52 19.64
N ASP B 424 14.03 6.79 19.98
CA ASP B 424 15.03 7.87 19.89
C ASP B 424 16.21 7.45 20.82
N ASN B 425 17.43 7.79 20.40
CA ASN B 425 18.61 7.22 21.08
C ASN B 425 19.87 8.02 20.84
N PHE B 426 20.98 7.50 21.38
CA PHE B 426 22.29 8.16 21.24
C PHE B 426 22.79 8.00 19.79
N GLU B 427 22.74 9.06 19.02
CA GLU B 427 23.07 9.04 17.59
C GLU B 427 24.59 9.31 17.39
N TRP B 428 25.40 8.46 18.03
CA TRP B 428 26.84 8.48 17.85
C TRP B 428 27.46 9.90 18.00
N ALA B 429 28.25 10.43 17.07
CA ALA B 429 28.87 11.74 17.26
C ALA B 429 27.85 12.87 17.32
N GLU B 430 26.63 12.62 16.91
CA GLU B 430 25.57 13.67 17.04
C GLU B 430 24.92 13.68 18.41
N GLY B 431 25.19 12.68 19.24
CA GLY B 431 24.59 12.62 20.58
C GLY B 431 23.07 12.48 20.52
N TYR B 432 22.38 13.15 21.43
CA TYR B 432 20.93 13.00 21.54
C TYR B 432 20.18 14.01 20.67
N SER B 433 20.90 14.79 19.89
CA SER B 433 20.29 15.83 19.06
C SER B 433 19.49 15.36 17.86
N LYS B 434 19.52 14.06 17.55
CA LYS B 434 18.90 13.55 16.33
C LYS B 434 18.03 12.42 16.68
N ARG B 435 16.74 12.53 16.37
CA ARG B 435 15.76 11.54 16.86
C ARG B 435 15.28 10.70 15.67
N PHE B 436 15.52 9.39 15.71
CA PHE B 436 15.18 8.46 14.62
C PHE B 436 14.01 7.56 15.02
N GLY B 437 13.53 7.67 16.26
CA GLY B 437 12.61 6.65 16.79
C GLY B 437 11.22 6.76 16.11
N ILE B 438 10.50 5.65 16.13
CA ILE B 438 9.04 5.64 15.95
C ILE B 438 8.35 5.73 17.33
N VAL B 439 9.09 5.51 18.43
CA VAL B 439 8.76 5.89 19.78
C VAL B 439 9.64 7.07 20.23
N TYR B 440 9.01 8.10 20.78
CA TYR B 440 9.71 9.24 21.33
C TYR B 440 10.17 8.93 22.74
N VAL B 441 11.30 9.50 23.13
CA VAL B 441 11.88 9.31 24.46
C VAL B 441 12.15 10.69 25.00
N ASP B 442 11.48 10.98 26.13
CA ASP B 442 11.75 12.20 26.88
C ASP B 442 12.85 11.80 27.86
N TYR B 443 14.04 12.35 27.58
CA TYR B 443 15.24 12.03 28.34
C TYR B 443 15.19 12.53 29.79
N SER B 444 14.48 13.64 30.06
CA SER B 444 14.19 14.12 31.45
C SER B 444 13.54 13.04 32.36
N THR B 445 12.53 12.34 31.85
CA THR B 445 11.79 11.37 32.65
C THR B 445 11.91 9.91 32.23
N GLN B 446 12.52 9.65 31.07
CA GLN B 446 12.53 8.32 30.40
C GLN B 446 11.16 7.82 29.94
N LYS B 447 10.24 8.77 29.73
CA LYS B 447 8.88 8.48 29.24
C LYS B 447 8.92 8.09 27.74
N ARG B 448 8.39 6.90 27.42
CA ARG B 448 8.10 6.52 26.04
C ARG B 448 6.80 7.16 25.59
N ILE B 449 6.82 7.86 24.47
CA ILE B 449 5.58 8.26 23.78
C ILE B 449 5.63 7.73 22.36
N VAL B 450 4.80 6.72 22.06
CA VAL B 450 4.67 6.23 20.68
C VAL B 450 4.33 7.37 19.73
N LYS B 451 5.02 7.45 18.60
CA LYS B 451 4.78 8.52 17.64
C LYS B 451 3.71 8.04 16.68
N ASP B 452 3.20 8.96 15.85
CA ASP B 452 2.20 8.58 14.85
C ASP B 452 2.77 7.55 13.86
N SER B 453 4.04 7.74 13.47
CA SER B 453 4.76 6.74 12.62
C SER B 453 4.71 5.38 13.25
N GLY B 454 4.79 5.35 14.57
CA GLY B 454 4.63 4.11 15.27
C GLY B 454 3.30 3.45 15.00
N TYR B 455 2.24 4.24 15.12
CA TYR B 455 0.86 3.74 14.84
C TYR B 455 0.69 3.43 13.34
N TRP B 456 1.16 4.31 12.47
CA TRP B 456 1.18 4.01 11.04
C TRP B 456 1.93 2.71 10.66
N TYR B 457 3.05 2.43 11.31
CA TYR B 457 3.83 1.25 10.96
C TYR B 457 3.15 0.03 11.52
N SER B 458 2.56 0.19 12.69
CA SER B 458 1.64 -0.81 13.28
C SER B 458 0.65 -1.29 12.24
N ASN B 459 0.05 -0.36 11.51
N ASN B 459 0.04 -0.37 11.50
CA ASN B 459 -0.91 -0.68 10.43
CA ASN B 459 -0.88 -0.72 10.43
C ASN B 459 -0.28 -1.51 9.31
C ASN B 459 -0.26 -1.54 9.32
N VAL B 460 0.87 -1.03 8.81
CA VAL B 460 1.64 -1.70 7.75
C VAL B 460 1.87 -3.15 8.08
N VAL B 461 2.29 -3.45 9.32
CA VAL B 461 2.57 -4.83 9.73
C VAL B 461 1.32 -5.72 9.71
N LYS B 462 0.27 -5.21 10.35
CA LYS B 462 -1.09 -5.79 10.32
C LYS B 462 -1.54 -6.17 8.88
N ASN B 463 -1.47 -5.22 7.96
CA ASN B 463 -1.88 -5.40 6.54
C ASN B 463 -0.85 -6.08 5.65
N ASN B 464 0.25 -6.57 6.21
CA ASN B 464 1.42 -6.97 5.43
C ASN B 464 1.65 -6.11 4.16
N GLY B 465 1.53 -4.78 4.33
CA GLY B 465 1.70 -3.87 3.20
C GLY B 465 1.13 -2.48 3.38
N LEU B 466 1.13 -1.73 2.29
CA LEU B 466 0.69 -0.35 2.28
C LEU B 466 -0.79 -0.30 1.83
N GLU B 467 -1.61 0.39 2.64
CA GLU B 467 -3.06 0.63 2.40
C GLU B 467 -3.89 -0.65 2.25
C1 EDO C . -20.45 4.96 11.15
O1 EDO C . -20.63 4.95 9.75
C2 EDO C . -19.17 4.14 11.35
O2 EDO C . -18.32 4.39 10.24
C1 EDO D . -43.43 -12.92 -11.74
O1 EDO D . -43.06 -11.96 -12.75
C2 EDO D . -44.55 -12.32 -10.89
O2 EDO D . -44.47 -12.65 -9.50
C1 EDO E . -36.84 -18.77 -4.04
O1 EDO E . -38.16 -19.28 -4.27
C2 EDO E . -35.87 -19.93 -4.24
O2 EDO E . -36.24 -21.00 -3.37
C1 EDO F . -10.14 -5.11 1.50
O1 EDO F . -9.70 -4.46 0.32
C2 EDO F . -9.24 -6.27 1.89
O2 EDO F . -9.64 -6.68 3.21
C1 EDO G . -11.99 -0.26 -29.70
O1 EDO G . -11.25 -0.93 -28.67
C2 EDO G . -13.11 -1.15 -30.26
O2 EDO G . -12.69 -2.52 -30.41
C1 EDO H . -9.40 -13.05 -15.71
O1 EDO H . -10.52 -12.67 -16.51
C2 EDO H . -8.81 -11.78 -15.20
O2 EDO H . -9.80 -10.78 -15.43
C1 EDO I . -17.37 3.61 -6.94
C1 EDO I . -18.45 3.59 -7.21
O1 EDO I . -16.07 3.02 -6.69
O1 EDO I . -17.31 4.22 -6.57
C2 EDO I . -18.48 2.69 -6.40
C2 EDO I . -17.97 2.81 -8.44
O2 EDO I . -19.10 3.10 -5.16
O2 EDO I . -18.95 1.84 -8.88
CL CL J . -29.13 -23.71 -12.77
C1 EDO K . 20.83 12.06 28.37
O1 EDO K . 20.07 12.27 27.17
C2 EDO K . 20.00 11.28 29.37
O2 EDO K . 19.76 9.96 28.87
C1 EDO L . 43.00 -16.32 7.24
O1 EDO L . 42.19 -15.13 7.26
C2 EDO L . 43.14 -16.85 8.66
O2 EDO L . 44.11 -16.07 9.35
C1 EDO M . 39.23 9.26 0.90
O1 EDO M . 38.62 10.15 1.84
C2 EDO M . 38.34 8.04 0.95
O2 EDO M . 37.13 8.35 1.67
NA NA N . 44.70 -18.94 2.87
C4 AEZ O . 22.73 4.87 13.20
C5 AEZ O . 21.86 5.22 12.01
C6 AEZ O . 21.54 6.67 11.86
C7 AEZ O . 22.59 4.74 10.83
C10 AEZ O . 23.43 4.41 8.81
C3 AEZ O . 22.97 3.35 13.17
C1 AEZ O . 23.54 3.62 10.86
C2 AEZ O . 23.89 2.84 12.05
O2 AEZ O . 23.75 1.43 11.81
O4 AEZ O . 22.09 5.23 14.42
O3 AEZ O . 23.47 2.85 14.40
O6 AEZ O . 22.71 7.47 11.68
N8 AEZ O . 23.99 3.49 9.61
N9 AEZ O . 22.60 5.19 9.56
#